data_3V6J
#
_entry.id   3V6J
#
_cell.length_a   52.700
_cell.length_b   111.419
_cell.length_c   98.807
_cell.angle_alpha   90.00
_cell.angle_beta   102.57
_cell.angle_gamma   90.00
#
_symmetry.space_group_name_H-M   'P 1 21 1'
#
loop_
_entity.id
_entity.type
_entity.pdbx_description
1 polymer 'DNA polymerase IV'
2 polymer "DNA (5'-D(*GP*GP*GP*GP*AP*AP*GP*GP*AP*TP*TP*(DOC))-3')"
3 polymer "DNA (5'-D(*TP*CP*AP*TP*(EFG)P*GP*AP*AP*TP*CP*CP*TP*TP*CP*CP*CP*C)-3')"
4 non-polymer "2'-DEOXYCYTIDINE-5'-TRIPHOSPHATE"
5 non-polymer 'MAGNESIUM ION'
6 water water
#
loop_
_entity_poly.entity_id
_entity_poly.type
_entity_poly.pdbx_seq_one_letter_code
_entity_poly.pdbx_strand_id
1 'polypeptide(L)'
;HHHHHHMIVLFVDFDYFYAQVEEVLNPSLKGKPVVVCVFSGRFEDSGAVATANYEARKFGVKAGIPIVEAKKILPNAVYL
PMRKEVYQQVSSRIMNLLREYSEKIEIASIDEAYLDISDKVRDYREAYNLGLEIKNKILEKEKITVTVGISKNKVFAKIA
ADMAKPNGIKVIDDEEVKRLIRELDIADVPGIGNITAEKLKKLGINKLVDTLSIEFDKLKGMIGEAKAKYLISLARDEYN
EPIRTRVRKSIGRIVTMKRNSRNLEEIKPYLFRAIEESYYKLDKRIPKAIHVVAVTEDLDIVSRGRTFPHGISKETAYSE
SVKLLQKILEEDERKIRRIGVRFSKFIE
;
A,J
2 'polydeoxyribonucleotide' (DG)(DG)(DG)(DG)(DA)(DA)(DG)(DG)(DA)(DT)(DT)(DOC) P,K
3 'polydeoxyribonucleotide' (DT)(DC)(DA)(DT)(EFG)(DG)(DA)(DA)(DT)(DC)(DC)(DT)(DT)(DC)(DC)(DC)(DC) B,M
#
loop_
_chem_comp.id
_chem_comp.type
_chem_comp.name
_chem_comp.formula
DA DNA linking 2'-DEOXYADENOSINE-5'-MONOPHOSPHATE 'C10 H14 N5 O6 P'
DC DNA linking 2'-DEOXYCYTIDINE-5'-MONOPHOSPHATE 'C9 H14 N3 O7 P'
DCP non-polymer 2'-DEOXYCYTIDINE-5'-TRIPHOSPHATE 'C9 H16 N3 O13 P3'
DG DNA linking 2'-DEOXYGUANOSINE-5'-MONOPHOSPHATE 'C10 H14 N5 O7 P'
DOC DNA linking 2',3'-DIDEOXYCYTIDINE-5'-MONOPHOSPHATE 'C9 H14 N3 O6 P'
DT DNA linking THYMIDINE-5'-MONOPHOSPHATE 'C10 H15 N2 O8 P'
EFG non-polymer 1-(2-deoxy-2-fluoro-5-O-phosphono-beta-D-arabinofuranosyl)-1H-imidazo[2,1-b]purin-4(5H)-one 'C12 H13 F N5 O7 P'
MG non-polymer 'MAGNESIUM ION' 'Mg 2'
#
# COMPACT_ATOMS: atom_id res chain seq x y z
N HIS A 6 -9.83 18.07 35.48
CA HIS A 6 -9.08 16.83 35.58
C HIS A 6 -7.80 16.91 34.81
N MET A 7 -7.87 16.62 33.52
CA MET A 7 -6.70 16.66 32.66
C MET A 7 -6.37 15.28 32.10
N ILE A 8 -7.25 14.78 31.23
CA ILE A 8 -7.05 13.47 30.61
C ILE A 8 -6.37 13.35 29.23
N VAL A 9 -5.26 12.60 29.18
CA VAL A 9 -4.57 12.36 27.91
C VAL A 9 -4.85 10.94 27.38
N LEU A 10 -5.16 10.80 26.10
CA LEU A 10 -5.39 9.46 25.51
C LEU A 10 -4.37 9.26 24.41
N PHE A 11 -3.55 8.23 24.50
CA PHE A 11 -2.46 8.03 23.59
C PHE A 11 -2.76 6.81 22.72
N VAL A 12 -2.33 6.80 21.46
CA VAL A 12 -2.69 5.73 20.57
C VAL A 12 -1.38 5.40 19.84
N ASP A 13 -0.97 4.11 19.85
CA ASP A 13 0.21 3.65 19.27
C ASP A 13 -0.11 2.47 18.38
N PHE A 14 0.20 2.52 17.09
CA PHE A 14 -0.28 1.45 16.21
C PHE A 14 0.61 0.24 16.38
N ASP A 15 -0.04 -0.92 16.42
CA ASP A 15 0.61 -2.19 16.69
C ASP A 15 1.49 -2.60 15.47
N TYR A 16 2.71 -3.04 15.82
CA TYR A 16 3.71 -3.54 14.89
C TYR A 16 3.42 -2.90 13.59
N PHE A 17 3.50 -1.57 13.57
CA PHE A 17 3.01 -0.75 12.46
C PHE A 17 3.20 -1.16 11.00
N TYR A 18 4.45 -1.15 10.57
CA TYR A 18 4.82 -1.30 9.12
C TYR A 18 4.44 -2.69 8.67
N ALA A 19 4.66 -3.69 9.56
CA ALA A 19 4.48 -5.05 9.23
C ALA A 19 2.97 -5.23 9.18
N GLN A 20 2.25 -4.54 10.09
CA GLN A 20 0.77 -4.61 10.07
C GLN A 20 0.13 -4.04 8.78
N VAL A 21 0.63 -2.91 8.31
CA VAL A 21 0.21 -2.39 7.02
C VAL A 21 0.49 -3.38 5.93
N GLU A 22 1.65 -4.03 5.93
CA GLU A 22 1.83 -5.08 4.93
C GLU A 22 0.85 -6.26 5.03
N GLU A 23 0.48 -6.70 6.24
CA GLU A 23 -0.63 -7.69 6.35
C GLU A 23 -1.98 -7.18 5.85
N VAL A 24 -2.32 -5.95 6.19
CA VAL A 24 -3.56 -5.41 5.68
C VAL A 24 -3.50 -5.41 4.14
N LEU A 25 -2.39 -4.99 3.57
CA LEU A 25 -2.31 -5.05 2.15
C LEU A 25 -2.28 -6.46 1.54
N ASN A 26 -1.83 -7.46 2.31
CA ASN A 26 -1.71 -8.86 1.79
C ASN A 26 -2.14 -9.76 2.85
N PRO A 27 -3.46 -9.85 3.07
CA PRO A 27 -3.97 -10.57 4.24
C PRO A 27 -3.56 -12.06 4.30
N SER A 28 -2.86 -12.57 3.33
CA SER A 28 -2.40 -13.97 3.46
C SER A 28 -1.14 -14.04 4.33
N LEU A 29 -0.51 -12.89 4.58
CA LEU A 29 0.64 -12.85 5.46
C LEU A 29 0.25 -13.05 6.89
N LYS A 30 -0.97 -12.67 7.26
CA LYS A 30 -1.42 -12.67 8.67
C LYS A 30 -1.35 -14.06 9.40
N GLY A 31 -0.88 -14.04 10.65
CA GLY A 31 -0.70 -15.30 11.36
C GLY A 31 0.68 -15.92 11.09
N LYS A 32 1.48 -15.42 10.15
CA LYS A 32 2.81 -16.01 9.97
C LYS A 32 3.91 -14.94 10.01
N PRO A 33 5.18 -15.34 10.15
CA PRO A 33 6.16 -14.29 10.39
C PRO A 33 6.31 -13.32 9.25
N VAL A 34 6.41 -12.02 9.57
CA VAL A 34 6.59 -10.97 8.58
C VAL A 34 7.70 -10.02 9.10
N VAL A 35 8.66 -9.68 8.27
CA VAL A 35 9.79 -8.87 8.73
C VAL A 35 9.96 -7.75 7.76
N VAL A 36 9.89 -6.51 8.23
CA VAL A 36 10.11 -5.34 7.34
C VAL A 36 11.54 -4.82 7.43
N CYS A 37 12.14 -4.81 6.24
CA CYS A 37 13.54 -4.54 6.11
C CYS A 37 13.99 -3.26 5.38
N VAL A 38 15.03 -2.66 5.95
CA VAL A 38 15.82 -1.66 5.22
C VAL A 38 17.09 -2.34 4.68
N PHE A 39 17.05 -2.69 3.40
CA PHE A 39 18.14 -3.21 2.61
C PHE A 39 19.08 -2.10 2.15
N SER A 40 20.31 -2.11 2.60
CA SER A 40 21.25 -1.05 2.32
C SER A 40 21.91 -1.16 0.94
N GLY A 41 21.72 -2.26 0.23
CA GLY A 41 22.32 -2.47 -1.08
C GLY A 41 23.78 -2.84 -1.15
N ARG A 42 24.39 -3.22 -0.06
CA ARG A 42 25.85 -3.40 -0.09
C ARG A 42 26.21 -4.81 -0.48
N PHE A 43 25.32 -5.76 -0.19
CA PHE A 43 25.50 -7.14 -0.61
C PHE A 43 24.13 -7.72 -0.36
N GLU A 44 23.92 -8.94 -0.82
CA GLU A 44 22.58 -9.50 -0.69
C GLU A 44 22.21 -9.56 0.79
N ASP A 45 21.20 -8.79 1.20
CA ASP A 45 20.72 -8.88 2.54
C ASP A 45 21.54 -8.06 3.51
N SER A 46 22.35 -7.13 3.02
CA SER A 46 22.87 -6.19 3.97
C SER A 46 21.71 -5.24 4.37
N GLY A 47 21.83 -4.64 5.55
CA GLY A 47 20.78 -3.89 6.12
C GLY A 47 20.22 -4.38 7.43
N ALA A 48 19.21 -3.65 7.94
CA ALA A 48 18.51 -3.94 9.19
C ALA A 48 17.00 -4.06 9.05
N VAL A 49 16.41 -4.61 10.09
CA VAL A 49 15.01 -4.82 10.22
C VAL A 49 14.43 -3.53 10.81
N ALA A 50 13.45 -2.97 10.15
CA ALA A 50 12.77 -1.82 10.76
C ALA A 50 11.72 -2.31 11.74
N THR A 51 10.99 -3.41 11.42
CA THR A 51 10.05 -3.98 12.45
C THR A 51 9.59 -5.34 12.04
N ALA A 52 9.05 -6.11 12.95
CA ALA A 52 8.44 -7.35 12.56
C ALA A 52 7.20 -7.57 13.32
N ASN A 53 6.27 -8.35 12.73
CA ASN A 53 5.04 -8.70 13.39
C ASN A 53 5.36 -9.64 14.60
N TYR A 54 4.34 -9.91 15.45
CA TYR A 54 4.55 -10.66 16.71
C TYR A 54 4.98 -12.09 16.48
N GLU A 55 4.54 -12.73 15.38
CA GLU A 55 4.94 -14.06 15.17
C GLU A 55 6.42 -14.18 14.84
N ALA A 56 7.02 -13.12 14.26
CA ALA A 56 8.49 -13.05 14.05
C ALA A 56 9.22 -12.78 15.34
N ARG A 57 8.62 -11.92 16.18
CA ARG A 57 9.30 -11.49 17.44
C ARG A 57 9.47 -12.68 18.41
N LYS A 58 8.57 -13.63 18.34
CA LYS A 58 8.69 -14.76 19.28
C LYS A 58 9.98 -15.51 19.06
N PHE A 59 10.60 -15.35 17.89
CA PHE A 59 11.78 -16.09 17.55
C PHE A 59 12.99 -15.18 17.62
N GLY A 60 12.85 -13.95 18.15
CA GLY A 60 13.99 -13.06 18.35
C GLY A 60 14.16 -12.02 17.22
N VAL A 61 13.28 -12.09 16.20
CA VAL A 61 13.42 -11.29 15.00
C VAL A 61 12.67 -9.98 15.30
N LYS A 62 13.43 -8.95 15.65
CA LYS A 62 12.87 -7.62 15.93
C LYS A 62 13.68 -6.45 15.34
N ALA A 63 13.08 -5.28 15.53
CA ALA A 63 13.57 -4.03 15.01
C ALA A 63 15.03 -3.72 15.43
N GLY A 64 15.89 -3.40 14.48
CA GLY A 64 17.26 -3.03 14.76
C GLY A 64 18.27 -4.14 14.49
N ILE A 65 17.85 -5.39 14.30
CA ILE A 65 18.86 -6.40 14.11
C ILE A 65 19.26 -6.48 12.65
N PRO A 66 20.42 -7.09 12.36
CA PRO A 66 20.75 -7.16 10.95
C PRO A 66 19.85 -8.12 10.25
N ILE A 67 19.56 -7.87 8.99
CA ILE A 67 18.77 -8.82 8.20
C ILE A 67 19.42 -10.21 8.21
N VAL A 68 20.76 -10.22 8.06
CA VAL A 68 21.56 -11.41 8.21
C VAL A 68 21.25 -12.16 9.52
N GLU A 69 21.33 -11.55 10.72
CA GLU A 69 20.82 -12.20 11.93
C GLU A 69 19.41 -12.76 11.68
N ALA A 70 18.48 -11.92 11.23
CA ALA A 70 17.09 -12.33 11.14
C ALA A 70 17.05 -13.62 10.38
N LYS A 71 17.76 -13.66 9.26
CA LYS A 71 17.55 -14.74 8.30
C LYS A 71 18.24 -16.04 8.82
N LYS A 72 19.11 -15.93 9.83
CA LYS A 72 19.76 -17.14 10.32
C LYS A 72 18.86 -17.77 11.40
N ILE A 73 18.17 -16.92 12.17
CA ILE A 73 17.20 -17.43 13.10
C ILE A 73 15.87 -17.78 12.47
N LEU A 74 15.52 -17.16 11.34
CA LEU A 74 14.21 -17.40 10.69
C LEU A 74 14.21 -17.49 9.18
N PRO A 75 14.91 -18.47 8.64
CA PRO A 75 14.90 -18.66 7.20
C PRO A 75 13.55 -18.39 6.63
N ASN A 76 12.56 -19.08 7.18
CA ASN A 76 11.25 -19.05 6.56
C ASN A 76 10.37 -17.99 7.19
N ALA A 77 10.61 -16.76 6.81
CA ALA A 77 9.69 -15.70 7.11
C ALA A 77 9.55 -14.90 5.82
N VAL A 78 8.48 -14.11 5.72
CA VAL A 78 8.33 -13.18 4.59
C VAL A 78 9.14 -11.93 4.95
N TYR A 79 10.10 -11.60 4.11
CA TYR A 79 10.97 -10.46 4.28
C TYR A 79 10.55 -9.44 3.23
N LEU A 80 10.16 -8.26 3.64
CA LEU A 80 9.57 -7.25 2.74
C LEU A 80 10.35 -5.98 2.87
N PRO A 81 10.62 -5.27 1.75
CA PRO A 81 11.30 -3.95 1.95
C PRO A 81 10.33 -2.96 2.47
N MET A 82 10.84 -2.00 3.23
CA MET A 82 10.08 -1.03 3.82
C MET A 82 9.75 0.05 2.80
N ARG A 83 8.47 0.46 2.77
CA ARG A 83 7.94 1.46 1.83
C ARG A 83 7.25 2.47 2.74
N LYS A 84 8.05 3.33 3.28
CA LYS A 84 7.58 4.26 4.23
C LYS A 84 6.43 5.11 3.72
N GLU A 85 6.51 5.49 2.46
CA GLU A 85 5.48 6.31 1.84
C GLU A 85 4.18 5.64 2.20
N VAL A 86 4.05 4.41 1.74
CA VAL A 86 2.80 3.66 1.82
C VAL A 86 2.30 3.65 3.31
N TYR A 87 3.22 3.45 4.26
CA TYR A 87 2.77 3.39 5.65
C TYR A 87 2.29 4.80 6.05
N GLN A 88 2.85 5.79 5.38
CA GLN A 88 2.58 7.22 5.78
C GLN A 88 1.17 7.65 5.33
N GLN A 89 0.71 7.09 4.19
CA GLN A 89 -0.62 7.29 3.73
C GLN A 89 -1.64 6.67 4.68
N VAL A 90 -1.36 5.49 5.21
CA VAL A 90 -2.31 4.86 6.11
C VAL A 90 -2.34 5.69 7.41
N SER A 91 -1.16 6.05 7.91
CA SER A 91 -1.05 6.82 9.13
C SER A 91 -1.89 8.10 9.07
N SER A 92 -1.68 8.94 8.08
CA SER A 92 -2.51 10.11 7.85
C SER A 92 -3.96 9.82 7.77
N ARG A 93 -4.45 8.78 7.11
CA ARG A 93 -5.90 8.59 7.21
C ARG A 93 -6.26 8.32 8.68
N ILE A 94 -5.37 7.64 9.44
CA ILE A 94 -5.79 7.22 10.79
C ILE A 94 -5.72 8.46 11.64
N MET A 95 -4.71 9.29 11.42
CA MET A 95 -4.64 10.52 12.23
C MET A 95 -5.85 11.42 12.03
N ASN A 96 -6.44 11.39 10.81
CA ASN A 96 -7.68 12.09 10.58
C ASN A 96 -8.86 11.47 11.28
N LEU A 97 -8.96 10.12 11.39
CA LEU A 97 -9.96 9.58 12.32
C LEU A 97 -9.70 10.19 13.71
N LEU A 98 -8.44 10.24 14.19
CA LEU A 98 -8.24 10.65 15.62
C LEU A 98 -8.78 12.06 15.78
N ARG A 99 -8.52 12.88 14.75
CA ARG A 99 -8.84 14.30 14.79
C ARG A 99 -10.26 14.49 15.13
N GLU A 100 -11.10 13.55 14.68
CA GLU A 100 -12.54 13.49 15.00
C GLU A 100 -12.87 13.25 16.46
N TYR A 101 -11.90 12.90 17.31
CA TYR A 101 -12.28 12.66 18.69
C TYR A 101 -11.69 13.72 19.54
N SER A 102 -10.73 14.45 19.00
CA SER A 102 -10.28 15.61 19.71
C SER A 102 -9.52 16.50 18.77
N GLU A 103 -9.93 17.75 18.83
CA GLU A 103 -9.29 18.89 18.21
C GLU A 103 -7.84 18.95 18.70
N LYS A 104 -7.63 18.75 20.00
CA LYS A 104 -6.30 18.89 20.60
C LYS A 104 -5.50 17.55 20.57
N ILE A 105 -4.65 17.46 19.57
CA ILE A 105 -3.99 16.25 19.16
C ILE A 105 -2.55 16.55 18.84
N GLU A 106 -1.65 15.72 19.35
CA GLU A 106 -0.23 15.88 19.07
C GLU A 106 0.19 14.66 18.31
N ILE A 107 0.53 14.84 17.05
CA ILE A 107 0.98 13.73 16.26
C ILE A 107 2.45 13.59 16.58
N ALA A 108 2.84 12.53 17.30
CA ALA A 108 4.22 12.34 17.68
C ALA A 108 5.12 11.68 16.66
N SER A 109 4.56 10.87 15.75
CA SER A 109 5.35 10.13 14.76
C SER A 109 4.37 9.44 13.87
N ILE A 110 4.91 8.63 12.97
CA ILE A 110 4.09 7.97 12.00
C ILE A 110 3.13 7.00 12.68
N ASP A 111 3.46 6.47 13.85
CA ASP A 111 2.56 5.45 14.45
C ASP A 111 1.88 5.76 15.80
N GLU A 112 1.98 7.01 16.26
CA GLU A 112 1.49 7.39 17.53
C GLU A 112 1.04 8.90 17.71
N ALA A 113 0.01 9.10 18.53
CA ALA A 113 -0.47 10.47 18.79
C ALA A 113 -1.11 10.50 20.13
N TYR A 114 -0.96 11.65 20.80
CA TYR A 114 -1.63 12.02 22.02
C TYR A 114 -2.91 12.87 21.79
N LEU A 115 -4.08 12.52 22.41
CA LEU A 115 -5.26 13.39 22.42
C LEU A 115 -5.49 13.91 23.82
N ASP A 116 -5.68 15.21 23.93
CA ASP A 116 -6.18 15.75 25.17
C ASP A 116 -7.69 15.67 25.06
N ILE A 117 -8.25 14.75 25.82
CA ILE A 117 -9.67 14.49 25.76
C ILE A 117 -10.41 15.10 26.97
N SER A 118 -9.74 15.94 27.75
CA SER A 118 -10.37 16.57 28.91
C SER A 118 -11.75 17.21 28.68
N ASP A 119 -12.00 17.76 27.50
CA ASP A 119 -13.32 18.35 27.28
C ASP A 119 -14.31 17.39 26.64
N LYS A 120 -13.90 16.16 26.43
CA LYS A 120 -14.74 15.23 25.72
C LYS A 120 -15.38 14.23 26.66
N VAL A 121 -14.84 14.09 27.86
CA VAL A 121 -14.96 12.89 28.63
C VAL A 121 -14.82 13.42 30.04
N ARG A 122 -15.67 12.94 30.99
CA ARG A 122 -15.68 13.51 32.33
C ARG A 122 -14.84 12.76 33.35
N ASP A 123 -14.42 11.54 33.05
CA ASP A 123 -13.63 10.77 34.02
C ASP A 123 -12.96 9.58 33.32
N TYR A 124 -12.16 8.84 34.07
CA TYR A 124 -11.35 7.77 33.47
C TYR A 124 -12.18 6.67 32.88
N ARG A 125 -13.40 6.58 33.33
CA ARG A 125 -14.31 5.51 32.97
C ARG A 125 -14.86 5.81 31.59
N GLU A 126 -15.33 7.04 31.41
CA GLU A 126 -15.69 7.49 30.06
C GLU A 126 -14.48 7.57 29.14
N ALA A 127 -13.31 7.93 29.65
CA ALA A 127 -12.08 7.84 28.77
C ALA A 127 -11.87 6.46 28.21
N TYR A 128 -11.92 5.44 29.07
CA TYR A 128 -11.80 4.03 28.62
C TYR A 128 -12.77 3.77 27.48
N ASN A 129 -14.02 4.14 27.68
CA ASN A 129 -15.06 3.85 26.68
C ASN A 129 -14.74 4.57 25.41
N LEU A 130 -14.18 5.78 25.52
CA LEU A 130 -13.67 6.46 24.35
C LEU A 130 -12.45 5.69 23.67
N GLY A 131 -11.50 5.20 24.50
CA GLY A 131 -10.41 4.33 24.05
C GLY A 131 -10.96 3.25 23.12
N LEU A 132 -12.04 2.61 23.55
CA LEU A 132 -12.65 1.54 22.83
C LEU A 132 -13.41 1.92 21.58
N GLU A 133 -14.13 3.04 21.48
CA GLU A 133 -14.77 3.37 20.21
C GLU A 133 -13.68 3.75 19.24
N ILE A 134 -12.69 4.44 19.75
CA ILE A 134 -11.47 4.70 18.94
C ILE A 134 -10.84 3.45 18.32
N LYS A 135 -10.49 2.47 19.16
CA LYS A 135 -10.04 1.14 18.66
C LYS A 135 -11.01 0.53 17.66
N ASN A 136 -12.31 0.45 17.96
CA ASN A 136 -13.24 -0.17 17.01
C ASN A 136 -13.28 0.59 15.70
N LYS A 137 -13.13 1.88 15.78
CA LYS A 137 -13.18 2.72 14.60
C LYS A 137 -11.95 2.59 13.66
N ILE A 138 -10.74 2.56 14.21
CA ILE A 138 -9.53 2.36 13.33
C ILE A 138 -9.65 0.98 12.69
N LEU A 139 -10.14 0.00 13.47
CA LEU A 139 -10.25 -1.34 12.96
C LEU A 139 -11.29 -1.34 11.81
N GLU A 140 -12.40 -0.65 11.99
CA GLU A 140 -13.45 -0.69 10.99
C GLU A 140 -12.97 0.06 9.76
N LYS A 141 -12.29 1.16 9.94
CA LYS A 141 -11.85 1.94 8.77
C LYS A 141 -10.55 1.53 8.11
N GLU A 142 -9.54 1.07 8.86
CA GLU A 142 -8.22 0.79 8.25
C GLU A 142 -7.77 -0.61 8.46
N LYS A 143 -8.58 -1.36 9.20
CA LYS A 143 -8.25 -2.75 9.53
C LYS A 143 -6.95 -2.86 10.34
N ILE A 144 -6.62 -1.82 11.11
CA ILE A 144 -5.40 -1.70 11.92
C ILE A 144 -5.73 -1.73 13.43
N THR A 145 -5.07 -2.60 14.21
CA THR A 145 -5.24 -2.66 15.63
C THR A 145 -4.20 -1.77 16.27
N VAL A 146 -4.59 -1.16 17.37
CA VAL A 146 -3.78 -0.16 18.04
C VAL A 146 -3.86 -0.48 19.51
N THR A 147 -3.00 0.16 20.32
CA THR A 147 -3.03 -0.02 21.75
C THR A 147 -3.25 1.39 22.30
N VAL A 148 -4.13 1.55 23.33
CA VAL A 148 -4.44 2.83 23.89
C VAL A 148 -3.97 2.95 25.36
N GLY A 149 -3.38 4.06 25.72
CA GLY A 149 -3.01 4.27 27.12
C GLY A 149 -3.67 5.58 27.48
N ILE A 150 -4.11 5.67 28.73
CA ILE A 150 -4.86 6.82 29.26
C ILE A 150 -4.33 7.12 30.63
N SER A 151 -4.11 8.39 30.89
CA SER A 151 -3.60 8.77 32.19
C SER A 151 -3.65 10.28 32.32
N LYS A 152 -2.97 10.81 33.35
CA LYS A 152 -3.08 12.21 33.60
C LYS A 152 -2.12 13.09 32.78
N ASN A 153 -1.17 12.46 32.12
CA ASN A 153 -0.22 13.20 31.31
C ASN A 153 0.32 12.32 30.17
N LYS A 154 1.17 12.89 29.33
CA LYS A 154 1.68 12.24 28.15
C LYS A 154 2.50 10.96 28.45
N VAL A 155 3.41 11.11 29.38
CA VAL A 155 4.37 10.09 29.76
C VAL A 155 3.65 8.88 30.35
N PHE A 156 2.77 9.11 31.32
CA PHE A 156 2.07 7.97 31.94
C PHE A 156 1.09 7.37 30.94
N ALA A 157 0.56 8.20 30.06
CA ALA A 157 -0.31 7.71 29.02
C ALA A 157 0.55 6.88 28.11
N LYS A 158 1.83 7.30 27.89
CA LYS A 158 2.72 6.49 27.05
C LYS A 158 3.09 5.14 27.74
N ILE A 159 3.53 5.21 28.98
CA ILE A 159 3.77 4.00 29.75
C ILE A 159 2.57 3.06 29.78
N ALA A 160 1.35 3.60 29.85
CA ALA A 160 0.17 2.74 30.02
C ALA A 160 0.04 1.95 28.74
N ALA A 161 0.28 2.57 27.57
CA ALA A 161 0.17 1.84 26.33
C ALA A 161 1.32 0.85 26.25
N ASP A 162 2.53 1.20 26.71
CA ASP A 162 3.61 0.23 26.63
C ASP A 162 3.22 -1.01 27.42
N MET A 163 2.56 -0.84 28.53
CA MET A 163 2.24 -2.01 29.32
C MET A 163 1.15 -2.86 28.74
N ALA A 164 0.26 -2.33 27.89
CA ALA A 164 -0.89 -3.07 27.39
C ALA A 164 -0.72 -3.57 25.96
N LYS A 165 0.42 -3.37 25.37
CA LYS A 165 0.48 -3.79 23.95
C LYS A 165 0.80 -5.26 23.78
N PRO A 166 0.37 -5.90 22.66
CA PRO A 166 -0.37 -5.31 21.56
C PRO A 166 -1.90 -5.43 21.69
N ASN A 167 -2.58 -4.68 20.85
CA ASN A 167 -4.01 -4.64 20.81
C ASN A 167 -4.65 -4.40 22.19
N GLY A 168 -4.12 -3.49 23.00
CA GLY A 168 -4.64 -3.43 24.32
C GLY A 168 -5.24 -2.07 24.58
N ILE A 169 -5.73 -1.87 25.80
CA ILE A 169 -6.09 -0.54 26.27
C ILE A 169 -5.82 -0.56 27.76
N LYS A 170 -5.14 0.47 28.32
CA LYS A 170 -4.93 0.51 29.80
C LYS A 170 -5.09 1.92 30.32
N VAL A 171 -5.76 2.07 31.48
CA VAL A 171 -5.81 3.29 32.27
C VAL A 171 -4.83 3.24 33.46
N ILE A 172 -4.09 4.30 33.71
CA ILE A 172 -3.30 4.43 34.93
C ILE A 172 -3.88 5.67 35.61
N ASP A 173 -4.83 5.43 36.54
CA ASP A 173 -5.49 6.52 37.27
C ASP A 173 -4.55 7.07 38.33
N ASP A 174 -5.06 7.99 39.13
CA ASP A 174 -4.23 8.70 40.13
C ASP A 174 -3.54 7.84 41.17
N GLU A 175 -4.20 6.82 41.67
CA GLU A 175 -3.56 6.01 42.69
C GLU A 175 -2.44 5.24 42.04
N GLU A 176 -2.72 4.78 40.83
CA GLU A 176 -1.77 3.96 40.03
C GLU A 176 -0.52 4.73 39.62
N VAL A 177 -0.71 6.00 39.26
CA VAL A 177 0.45 6.88 39.06
C VAL A 177 1.34 6.74 40.28
N LYS A 178 0.75 6.92 41.46
CA LYS A 178 1.56 6.95 42.66
C LYS A 178 2.26 5.60 42.91
N ARG A 179 1.57 4.48 42.66
CA ARG A 179 2.20 3.16 42.71
C ARG A 179 3.38 3.03 41.74
N LEU A 180 3.18 3.55 40.51
CA LEU A 180 4.17 3.37 39.48
C LEU A 180 5.41 4.18 39.78
N ILE A 181 5.22 5.41 40.25
CA ILE A 181 6.37 6.20 40.60
C ILE A 181 7.17 5.34 41.56
N ARG A 182 6.49 4.59 42.42
CA ARG A 182 7.20 3.71 43.37
C ARG A 182 7.81 2.40 42.77
N GLU A 183 7.10 1.71 41.87
CA GLU A 183 7.58 0.39 41.48
C GLU A 183 8.07 0.25 40.07
N LEU A 184 7.84 1.27 39.25
CA LEU A 184 8.23 1.21 37.86
C LEU A 184 9.73 1.46 37.71
N ASP A 185 10.37 0.49 37.07
CA ASP A 185 11.77 0.54 36.74
C ASP A 185 11.95 1.75 35.85
N ILE A 186 12.88 2.56 36.26
CA ILE A 186 13.14 3.85 35.68
C ILE A 186 13.59 3.69 34.24
N ALA A 187 14.24 2.56 33.94
CA ALA A 187 14.58 2.23 32.54
C ALA A 187 13.38 2.22 31.57
N ASP A 188 12.17 2.18 32.13
CA ASP A 188 10.93 2.07 31.35
C ASP A 188 10.20 3.39 31.15
N VAL A 189 10.80 4.49 31.64
CA VAL A 189 10.31 5.86 31.46
C VAL A 189 10.72 6.33 30.08
N PRO A 190 9.74 6.71 29.26
CA PRO A 190 10.11 7.31 27.97
C PRO A 190 11.21 8.34 28.12
N GLY A 191 12.20 8.23 27.22
CA GLY A 191 13.23 9.17 26.99
C GLY A 191 14.40 8.73 27.82
N ILE A 192 14.29 7.60 28.49
CA ILE A 192 15.40 7.11 29.30
C ILE A 192 15.91 5.88 28.60
N GLY A 193 17.14 5.96 28.10
CA GLY A 193 17.69 4.87 27.26
C GLY A 193 18.70 4.05 28.00
N ASN A 194 19.26 3.10 27.25
CA ASN A 194 20.34 2.21 27.67
C ASN A 194 21.45 2.86 28.48
N ILE A 195 21.98 3.99 27.98
CA ILE A 195 23.12 4.63 28.61
C ILE A 195 22.73 5.28 29.92
N THR A 196 21.56 5.95 29.94
CA THR A 196 21.10 6.65 31.15
C THR A 196 20.72 5.61 32.22
N ALA A 197 19.91 4.62 31.87
CA ALA A 197 19.54 3.60 32.87
C ALA A 197 20.79 3.02 33.55
N GLU A 198 21.81 2.65 32.77
CA GLU A 198 23.04 2.00 33.30
C GLU A 198 23.77 2.96 34.23
N LYS A 199 23.75 4.25 33.89
CA LYS A 199 24.23 5.28 34.80
C LYS A 199 23.44 5.28 36.11
N LEU A 200 22.11 5.17 36.01
CA LEU A 200 21.26 5.25 37.19
C LEU A 200 21.41 4.02 38.09
N LYS A 201 21.36 2.82 37.50
CA LYS A 201 21.63 1.61 38.30
C LYS A 201 22.92 1.78 39.10
N LYS A 202 23.99 2.15 38.39
CA LYS A 202 25.34 2.30 38.96
C LYS A 202 25.33 3.13 40.24
N LEU A 203 24.43 4.12 40.31
CA LEU A 203 24.21 4.94 41.49
C LEU A 203 23.10 4.39 42.35
N GLY A 204 22.48 3.29 41.88
CA GLY A 204 21.37 2.65 42.59
C GLY A 204 20.04 3.38 42.59
N ILE A 205 19.80 4.16 41.54
CA ILE A 205 18.50 4.76 41.31
C ILE A 205 17.77 3.84 40.33
N ASN A 206 16.68 3.26 40.81
CA ASN A 206 15.95 2.19 40.13
C ASN A 206 14.53 2.60 39.83
N LYS A 207 14.00 3.50 40.66
CA LYS A 207 12.59 3.86 40.61
C LYS A 207 12.48 5.36 40.52
N LEU A 208 11.45 5.87 39.86
CA LEU A 208 11.26 7.33 39.85
C LEU A 208 11.37 7.96 41.21
N VAL A 209 10.95 7.21 42.24
CA VAL A 209 10.96 7.69 43.61
C VAL A 209 12.37 7.96 44.13
N ASP A 210 13.34 7.14 43.69
CA ASP A 210 14.74 7.25 44.12
C ASP A 210 15.32 8.63 43.83
N THR A 211 14.78 9.35 42.87
CA THR A 211 15.36 10.58 42.39
C THR A 211 15.07 11.73 43.32
N LEU A 212 14.03 11.57 44.15
CA LEU A 212 13.70 12.59 45.18
C LEU A 212 14.65 12.58 46.36
N SER A 213 15.49 11.57 46.48
CA SER A 213 16.39 11.45 47.62
C SER A 213 17.84 11.36 47.22
N ILE A 214 18.26 12.21 46.29
CA ILE A 214 19.67 12.40 46.01
C ILE A 214 19.95 13.91 45.78
N GLU A 215 21.15 14.39 46.05
CA GLU A 215 21.44 15.77 45.74
C GLU A 215 21.08 16.05 44.27
N PHE A 216 20.09 16.92 44.02
CA PHE A 216 19.77 17.29 42.65
C PHE A 216 21.04 17.51 41.85
N ASP A 217 21.96 18.27 42.44
CA ASP A 217 23.27 18.53 41.85
C ASP A 217 24.08 17.26 41.56
N LYS A 218 23.85 16.21 42.34
CA LYS A 218 24.56 14.96 42.14
C LYS A 218 23.93 14.20 40.95
N LEU A 219 22.59 14.11 40.95
CA LEU A 219 21.83 13.54 39.81
C LEU A 219 22.23 14.24 38.49
N LYS A 220 22.08 15.56 38.45
CA LYS A 220 22.43 16.38 37.32
C LYS A 220 23.83 16.11 36.74
N GLY A 221 24.84 16.03 37.60
CA GLY A 221 26.18 15.60 37.19
C GLY A 221 26.16 14.30 36.41
N MET A 222 25.66 13.25 37.04
CA MET A 222 25.64 11.94 36.41
C MET A 222 24.87 11.91 35.09
N ILE A 223 23.69 12.54 35.01
CA ILE A 223 22.84 12.39 33.81
C ILE A 223 22.49 13.64 32.96
N GLY A 224 22.90 14.83 33.40
CA GLY A 224 22.58 16.07 32.69
C GLY A 224 21.45 16.77 33.41
N GLU A 225 21.39 18.08 33.27
CA GLU A 225 20.38 18.84 33.97
C GLU A 225 19.00 18.47 33.47
N ALA A 226 18.84 18.24 32.17
CA ALA A 226 17.50 18.10 31.60
C ALA A 226 16.82 16.80 31.99
N LYS A 227 17.54 15.70 31.99
CA LYS A 227 16.95 14.41 32.35
C LYS A 227 16.63 14.35 33.85
N ALA A 228 17.49 14.96 34.67
CA ALA A 228 17.29 15.04 36.11
C ALA A 228 15.97 15.72 36.39
N LYS A 229 15.85 16.95 35.91
CA LYS A 229 14.64 17.76 36.05
C LYS A 229 13.38 17.02 35.58
N TYR A 230 13.47 16.41 34.41
CA TYR A 230 12.43 15.56 33.83
C TYR A 230 12.03 14.47 34.81
N LEU A 231 12.97 13.66 35.24
CA LEU A 231 12.60 12.56 36.09
C LEU A 231 11.98 13.03 37.40
N ILE A 232 12.57 14.10 37.96
CA ILE A 232 12.13 14.59 39.26
C ILE A 232 10.72 15.16 39.16
N SER A 233 10.47 15.91 38.09
CA SER A 233 9.11 16.41 37.93
C SER A 233 8.07 15.24 37.79
N LEU A 234 8.46 14.14 37.14
CA LEU A 234 7.52 12.99 37.00
C LEU A 234 7.41 12.29 38.37
N ALA A 235 8.51 12.35 39.12
CA ALA A 235 8.53 11.70 40.40
C ALA A 235 7.77 12.53 41.44
N ARG A 236 7.66 13.84 41.24
CA ARG A 236 6.84 14.69 42.11
C ARG A 236 5.38 14.67 41.70
N ASP A 237 5.03 14.05 40.56
CA ASP A 237 3.65 14.04 40.07
C ASP A 237 3.28 15.44 39.55
N GLU A 238 4.27 16.15 39.02
CA GLU A 238 4.07 17.56 38.65
C GLU A 238 4.42 17.79 37.21
N TYR A 239 4.36 16.71 36.44
CA TYR A 239 4.62 16.76 35.02
C TYR A 239 3.28 16.99 34.30
N ASN A 240 3.22 18.06 33.52
CA ASN A 240 2.04 18.42 32.74
C ASN A 240 2.34 19.30 31.51
N GLU A 241 3.11 18.76 30.58
CA GLU A 241 3.44 19.42 29.34
C GLU A 241 2.20 19.26 28.49
N PRO A 242 1.65 20.36 27.95
CA PRO A 242 0.45 20.31 27.11
C PRO A 242 0.66 19.56 25.82
N ILE A 243 -0.45 19.03 25.29
CA ILE A 243 -0.50 18.40 24.00
C ILE A 243 -0.32 19.50 22.93
N ARG A 244 0.71 19.44 22.10
CA ARG A 244 0.90 20.47 21.07
C ARG A 244 1.27 19.99 19.66
N THR A 245 0.86 20.73 18.63
CA THR A 245 1.30 20.46 17.26
C THR A 245 2.84 20.39 17.20
N ARG A 246 3.41 19.32 16.66
CA ARG A 246 4.85 19.24 16.46
C ARG A 246 5.26 19.87 15.12
N VAL A 247 6.32 20.61 15.18
CA VAL A 247 6.78 21.28 13.96
C VAL A 247 8.09 20.63 13.59
N ARG A 248 8.14 20.05 12.39
CA ARG A 248 9.34 19.38 11.90
C ARG A 248 10.49 20.38 11.85
N LYS A 249 11.65 19.99 12.35
CA LYS A 249 12.77 20.93 12.43
C LYS A 249 13.91 20.68 11.46
N SER A 250 14.12 19.44 11.01
CA SER A 250 15.17 19.19 10.03
C SER A 250 14.73 18.07 9.09
N ILE A 251 15.34 18.02 7.92
CA ILE A 251 15.00 16.95 6.98
C ILE A 251 16.33 16.52 6.39
N GLY A 252 16.46 15.25 6.08
CA GLY A 252 17.75 14.80 5.55
C GLY A 252 17.67 13.43 4.97
N ARG A 253 18.79 12.91 4.55
CA ARG A 253 18.84 11.63 3.90
C ARG A 253 20.29 11.09 4.04
N ILE A 254 20.46 9.85 4.50
CA ILE A 254 21.80 9.22 4.53
C ILE A 254 21.71 7.90 3.79
N VAL A 255 22.75 7.54 3.03
CA VAL A 255 22.76 6.28 2.27
C VAL A 255 24.00 5.46 2.55
N THR A 256 23.95 4.17 2.22
CA THR A 256 25.10 3.37 2.43
C THR A 256 25.83 3.25 1.11
N MET A 257 27.12 3.47 1.10
CA MET A 257 27.88 3.16 -0.15
C MET A 257 28.15 1.67 -0.40
N LYS A 258 28.28 1.29 -1.67
CA LYS A 258 28.58 -0.07 -2.09
C LYS A 258 29.81 -0.51 -1.41
N ARG A 259 30.75 0.42 -1.25
CA ARG A 259 31.95 0.09 -0.51
C ARG A 259 32.58 1.29 0.19
N ASN A 260 33.34 1.02 1.24
CA ASN A 260 33.92 2.08 2.03
C ASN A 260 34.95 2.85 1.21
N SER A 261 34.85 4.17 1.19
CA SER A 261 35.82 4.98 0.43
C SER A 261 36.29 6.16 1.23
N ARG A 262 37.48 6.67 0.89
CA ARG A 262 37.80 8.03 1.28
C ARG A 262 38.07 8.83 0.05
N ASN A 263 37.52 8.34 -1.05
CA ASN A 263 37.77 9.01 -2.32
C ASN A 263 36.64 9.90 -2.81
N LEU A 264 36.90 11.20 -2.80
CA LEU A 264 35.86 12.18 -3.04
C LEU A 264 34.98 11.95 -4.28
N GLU A 265 35.53 11.44 -5.36
CA GLU A 265 34.75 11.27 -6.61
C GLU A 265 33.89 10.03 -6.51
N GLU A 266 34.37 9.08 -5.70
CA GLU A 266 33.59 7.90 -5.47
C GLU A 266 32.37 8.18 -4.53
N ILE A 267 32.55 9.12 -3.58
CA ILE A 267 31.53 9.52 -2.58
C ILE A 267 30.42 10.46 -3.10
N LYS A 268 30.79 11.40 -3.96
CA LYS A 268 29.91 12.44 -4.46
C LYS A 268 28.63 11.94 -5.13
N PRO A 269 28.72 10.88 -5.94
CA PRO A 269 27.42 10.51 -6.51
C PRO A 269 26.38 10.24 -5.42
N TYR A 270 26.83 9.72 -4.25
CA TYR A 270 25.96 9.40 -3.08
C TYR A 270 25.55 10.66 -2.35
N LEU A 271 26.51 11.53 -2.03
CA LEU A 271 26.15 12.83 -1.47
C LEU A 271 25.10 13.54 -2.31
N PHE A 272 25.35 13.70 -3.62
CA PHE A 272 24.41 14.38 -4.51
C PHE A 272 23.06 13.70 -4.63
N ARG A 273 23.07 12.39 -4.53
CA ARG A 273 21.83 11.63 -4.49
C ARG A 273 21.03 12.10 -3.28
N ALA A 274 21.72 12.28 -2.16
CA ALA A 274 21.09 12.53 -0.88
C ALA A 274 20.59 13.98 -0.75
N ILE A 275 21.31 14.91 -1.38
CA ILE A 275 20.90 16.31 -1.43
C ILE A 275 19.61 16.43 -2.19
N GLU A 276 19.59 15.79 -3.36
CA GLU A 276 18.43 15.81 -4.24
C GLU A 276 17.15 15.17 -3.72
N GLU A 277 17.27 14.26 -2.77
CA GLU A 277 16.08 13.64 -2.26
C GLU A 277 15.74 14.50 -1.04
N SER A 278 16.78 15.01 -0.36
CA SER A 278 16.56 15.84 0.83
C SER A 278 15.88 17.14 0.43
N TYR A 279 16.32 17.70 -0.69
CA TYR A 279 15.76 18.91 -1.24
C TYR A 279 14.35 18.74 -1.76
N TYR A 280 14.09 17.63 -2.42
CA TYR A 280 12.77 17.33 -2.87
C TYR A 280 11.78 17.22 -1.66
N LYS A 281 12.02 16.35 -0.69
CA LYS A 281 11.26 16.35 0.55
C LYS A 281 11.18 17.71 1.29
N LEU A 282 12.05 18.68 1.06
CA LEU A 282 11.86 19.92 1.76
C LEU A 282 10.53 20.55 1.39
N ASP A 283 10.14 20.34 0.15
CA ASP A 283 8.98 20.97 -0.43
C ASP A 283 8.64 22.30 0.16
N LYS A 284 9.28 23.32 -0.35
CA LYS A 284 8.82 24.66 -0.11
C LYS A 284 9.32 25.26 1.16
N ARG A 285 9.96 24.48 2.01
CA ARG A 285 10.54 25.13 3.14
C ARG A 285 12.03 25.28 2.95
N ILE A 286 12.58 26.29 3.57
CA ILE A 286 13.90 26.78 3.20
C ILE A 286 14.78 26.73 4.45
N PRO A 287 15.89 25.95 4.38
CA PRO A 287 16.83 25.76 5.49
C PRO A 287 17.93 26.79 5.47
N LYS A 288 18.34 27.21 6.66
CA LYS A 288 19.52 28.00 6.81
C LYS A 288 20.73 27.22 7.27
N ALA A 289 20.55 25.94 7.57
CA ALA A 289 21.65 25.08 8.00
C ALA A 289 21.70 23.78 7.25
N ILE A 290 22.91 23.39 6.94
CA ILE A 290 23.18 22.16 6.28
C ILE A 290 24.31 21.45 7.06
N HIS A 291 24.21 20.13 7.26
CA HIS A 291 25.28 19.29 7.82
C HIS A 291 25.54 18.15 6.88
N VAL A 292 26.80 17.79 6.67
CA VAL A 292 27.16 16.54 5.97
C VAL A 292 27.50 15.55 7.05
N VAL A 293 26.86 14.38 7.02
CA VAL A 293 27.04 13.41 8.10
C VAL A 293 27.72 12.20 7.45
N ALA A 294 28.79 11.72 8.06
CA ALA A 294 29.49 10.54 7.60
C ALA A 294 29.53 9.53 8.71
N VAL A 295 29.29 8.26 8.36
CA VAL A 295 29.49 7.17 9.26
C VAL A 295 30.76 6.48 8.72
N THR A 296 31.81 6.45 9.55
CA THR A 296 33.10 5.82 9.20
C THR A 296 33.03 4.28 9.23
N GLU A 297 34.04 3.62 8.67
CA GLU A 297 34.00 2.16 8.51
C GLU A 297 33.80 1.41 9.82
N ASP A 298 34.27 1.99 10.93
CA ASP A 298 34.11 1.35 12.23
C ASP A 298 32.96 1.98 12.99
N LEU A 299 32.06 2.62 12.24
CA LEU A 299 30.76 3.08 12.72
C LEU A 299 30.71 4.31 13.63
N ASP A 300 31.79 5.05 13.79
CA ASP A 300 31.66 6.40 14.37
C ASP A 300 30.85 7.33 13.43
N ILE A 301 30.21 8.33 14.04
CA ILE A 301 29.45 9.29 13.29
C ILE A 301 30.28 10.54 13.45
N VAL A 302 30.50 11.23 12.34
CA VAL A 302 31.34 12.43 12.23
C VAL A 302 30.52 13.43 11.36
N SER A 303 30.45 14.68 11.76
CA SER A 303 29.73 15.64 10.92
C SER A 303 30.30 17.02 10.91
N ARG A 304 30.06 17.70 9.79
CA ARG A 304 30.48 19.05 9.56
C ARG A 304 29.31 19.80 9.04
N GLY A 305 29.04 20.96 9.62
CA GLY A 305 27.93 21.77 9.21
C GLY A 305 28.19 23.24 9.01
N ARG A 306 27.20 23.91 8.45
CA ARG A 306 27.32 25.35 8.30
C ARG A 306 25.92 25.96 8.37
N THR A 307 25.84 27.12 9.01
CA THR A 307 24.62 27.83 9.28
C THR A 307 24.84 29.11 8.61
N PHE A 308 23.94 29.49 7.70
CA PHE A 308 24.11 30.73 6.89
C PHE A 308 23.12 31.72 7.41
N PRO A 309 23.37 33.02 7.22
CA PRO A 309 22.32 34.02 7.59
C PRO A 309 21.03 34.02 6.72
N HIS A 310 20.86 33.10 5.80
CA HIS A 310 19.71 33.17 4.89
C HIS A 310 19.49 31.78 4.45
N GLY A 311 18.49 31.57 3.61
CA GLY A 311 18.10 30.24 3.23
C GLY A 311 19.12 29.72 2.24
N ILE A 312 19.19 28.41 2.10
CA ILE A 312 20.24 27.77 1.30
C ILE A 312 19.46 27.33 0.11
N SER A 313 19.84 27.78 -1.07
CA SER A 313 19.21 27.25 -2.27
C SER A 313 19.86 25.91 -2.62
N LYS A 314 19.24 25.20 -3.55
CA LYS A 314 19.76 23.92 -3.95
C LYS A 314 21.19 24.01 -4.45
N GLU A 315 21.46 25.08 -5.18
CA GLU A 315 22.78 25.26 -5.76
C GLU A 315 23.81 25.53 -4.66
N THR A 316 23.49 26.37 -3.70
CA THR A 316 24.39 26.47 -2.57
C THR A 316 24.54 25.09 -1.79
N ALA A 317 23.51 24.27 -1.77
CA ALA A 317 23.63 23.03 -1.05
C ALA A 317 24.68 22.18 -1.68
N TYR A 318 24.69 22.10 -2.99
CA TYR A 318 25.67 21.29 -3.69
C TYR A 318 27.08 21.75 -3.43
N SER A 319 27.35 23.05 -3.43
CA SER A 319 28.72 23.45 -3.26
C SER A 319 29.08 23.44 -1.79
N GLU A 320 28.15 23.82 -0.90
CA GLU A 320 28.54 23.73 0.54
C GLU A 320 28.78 22.26 0.90
N SER A 321 27.97 21.36 0.39
CA SER A 321 28.08 20.00 0.88
C SER A 321 29.43 19.37 0.45
N VAL A 322 29.85 19.55 -0.81
CA VAL A 322 31.21 19.12 -1.25
C VAL A 322 32.32 19.69 -0.38
N LYS A 323 32.21 20.95 -0.03
CA LYS A 323 33.18 21.56 0.87
C LYS A 323 33.18 20.85 2.19
N LEU A 324 32.00 20.56 2.76
CA LEU A 324 31.93 19.98 4.10
C LEU A 324 32.48 18.55 4.08
N LEU A 325 32.12 17.79 3.04
CA LEU A 325 32.76 16.50 2.78
C LEU A 325 34.26 16.64 2.76
N GLN A 326 34.80 17.62 2.03
CA GLN A 326 36.29 17.85 1.97
C GLN A 326 36.82 18.03 3.38
N LYS A 327 36.17 18.84 4.19
CA LYS A 327 36.60 19.06 5.59
C LYS A 327 36.58 17.73 6.37
N ILE A 328 35.57 16.89 6.19
CA ILE A 328 35.53 15.59 6.90
C ILE A 328 36.75 14.75 6.51
N LEU A 329 36.95 14.59 5.20
CA LEU A 329 38.03 13.79 4.59
C LEU A 329 39.46 14.16 4.99
N GLU A 330 39.72 15.45 5.14
CA GLU A 330 40.99 15.92 5.65
C GLU A 330 40.89 16.30 7.12
N GLU A 331 40.33 15.43 7.96
CA GLU A 331 40.28 15.69 9.38
C GLU A 331 40.45 14.29 9.94
N ASP A 332 39.40 13.52 9.77
CA ASP A 332 39.45 12.07 9.90
C ASP A 332 40.17 11.29 8.81
N GLU A 333 40.93 10.28 9.18
CA GLU A 333 41.69 9.49 8.19
C GLU A 333 40.95 8.21 7.79
N ARG A 334 39.97 7.82 8.60
CA ARG A 334 39.18 6.63 8.36
C ARG A 334 38.37 6.72 7.09
N LYS A 335 38.01 5.57 6.55
CA LYS A 335 37.23 5.61 5.34
C LYS A 335 35.75 5.83 5.72
N ILE A 336 34.94 6.17 4.72
CA ILE A 336 33.56 6.49 4.96
C ILE A 336 32.67 5.33 4.47
N ARG A 337 31.67 4.96 5.27
CA ARG A 337 30.78 3.86 4.95
C ARG A 337 29.40 4.39 4.55
N ARG A 338 28.90 5.39 5.30
CA ARG A 338 27.60 5.97 4.96
C ARG A 338 27.75 7.44 4.85
N ILE A 339 27.09 8.04 3.88
CA ILE A 339 27.25 9.49 3.77
C ILE A 339 25.87 10.12 3.67
N GLY A 340 25.64 11.26 4.29
CA GLY A 340 24.41 11.98 4.02
C GLY A 340 24.40 13.44 4.39
N VAL A 341 23.23 14.05 4.20
CA VAL A 341 23.10 15.51 4.45
C VAL A 341 21.87 15.79 5.31
N ARG A 342 21.80 16.85 6.06
CA ARG A 342 20.65 17.15 6.90
C ARG A 342 20.51 18.66 6.80
N PHE A 343 19.34 19.14 6.44
CA PHE A 343 19.01 20.60 6.43
C PHE A 343 18.15 20.96 7.57
N SER A 344 18.42 22.08 8.20
CA SER A 344 17.61 22.50 9.37
C SER A 344 17.56 24.07 9.47
N LYS A 345 17.12 24.58 10.60
CA LYS A 345 16.88 26.01 10.84
C LYS A 345 16.06 26.62 9.69
N PHE A 346 14.82 26.13 9.60
CA PHE A 346 13.89 26.49 8.54
C PHE A 346 13.42 27.95 8.68
N ILE A 347 13.29 28.64 7.57
CA ILE A 347 12.81 30.04 7.65
C ILE A 347 11.34 30.02 8.04
N GLU A 348 10.98 30.93 8.93
CA GLU A 348 9.59 31.22 9.29
C GLU A 348 9.06 30.13 10.16
N HIS B 6 -39.33 -8.87 -27.83
CA HIS B 6 -38.14 -7.95 -27.70
C HIS B 6 -37.19 -8.39 -26.58
N MET B 7 -36.04 -7.71 -26.45
CA MET B 7 -35.01 -8.03 -25.43
C MET B 7 -34.27 -6.76 -25.01
N ILE B 8 -34.46 -6.34 -23.76
CA ILE B 8 -33.79 -5.12 -23.29
C ILE B 8 -32.73 -5.37 -22.21
N VAL B 9 -31.50 -4.89 -22.47
CA VAL B 9 -30.32 -5.05 -21.59
C VAL B 9 -29.79 -3.74 -21.02
N LEU B 10 -29.63 -3.70 -19.70
CA LEU B 10 -29.18 -2.50 -19.00
C LEU B 10 -27.86 -2.81 -18.22
N PHE B 11 -26.77 -2.23 -18.74
CA PHE B 11 -25.41 -2.51 -18.29
C PHE B 11 -24.87 -1.39 -17.41
N VAL B 12 -24.17 -1.75 -16.32
CA VAL B 12 -23.71 -0.81 -15.32
C VAL B 12 -22.24 -1.03 -15.09
N ASP B 13 -21.46 0.01 -15.31
CA ASP B 13 -20.04 -0.02 -15.14
C ASP B 13 -19.70 1.08 -14.17
N PHE B 14 -19.07 0.73 -13.05
CA PHE B 14 -18.64 1.75 -12.09
C PHE B 14 -17.43 2.52 -12.60
N ASP B 15 -17.43 3.83 -12.33
CA ASP B 15 -16.49 4.78 -12.93
C ASP B 15 -15.15 4.85 -12.21
N TYR B 16 -14.07 4.86 -12.97
CA TYR B 16 -12.70 4.85 -12.47
C TYR B 16 -12.53 4.12 -11.15
N PHE B 17 -13.11 2.95 -11.08
CA PHE B 17 -13.47 2.32 -9.84
C PHE B 17 -12.50 2.39 -8.68
N TYR B 18 -11.32 1.81 -8.84
CA TYR B 18 -10.38 1.68 -7.71
C TYR B 18 -10.10 3.05 -7.21
N ALA B 19 -9.86 3.99 -8.12
CA ALA B 19 -9.56 5.33 -7.68
C ALA B 19 -10.72 6.01 -7.01
N GLN B 20 -11.95 5.74 -7.47
CA GLN B 20 -13.10 6.44 -6.90
C GLN B 20 -13.36 5.99 -5.45
N VAL B 21 -13.28 4.67 -5.21
CA VAL B 21 -13.38 4.12 -3.85
C VAL B 21 -12.33 4.79 -3.01
N GLU B 22 -11.11 4.90 -3.54
CA GLU B 22 -10.08 5.63 -2.78
C GLU B 22 -10.57 7.03 -2.42
N GLU B 23 -11.15 7.73 -3.41
CA GLU B 23 -11.66 9.08 -3.15
C GLU B 23 -12.77 9.16 -2.11
N VAL B 24 -13.70 8.22 -2.20
CA VAL B 24 -14.76 8.07 -1.22
C VAL B 24 -14.12 7.83 0.15
N LEU B 25 -13.14 6.91 0.21
CA LEU B 25 -12.57 6.56 1.52
C LEU B 25 -11.67 7.66 2.03
N ASN B 26 -11.26 8.61 1.18
CA ASN B 26 -10.45 9.72 1.66
C ASN B 26 -10.81 10.99 0.90
N PRO B 27 -11.78 11.77 1.41
CA PRO B 27 -12.36 12.94 0.70
C PRO B 27 -11.40 14.09 0.38
N SER B 28 -10.39 14.35 1.21
CA SER B 28 -9.32 15.29 0.85
C SER B 28 -8.61 14.98 -0.49
N LEU B 29 -8.74 13.76 -1.01
CA LEU B 29 -8.15 13.47 -2.32
C LEU B 29 -8.89 14.20 -3.42
N LYS B 30 -10.03 14.76 -3.03
CA LYS B 30 -10.99 15.29 -3.96
C LYS B 30 -10.41 16.36 -4.89
N GLY B 31 -10.56 16.14 -6.19
CA GLY B 31 -10.11 17.11 -7.19
C GLY B 31 -8.62 17.08 -7.50
N LYS B 32 -7.92 16.12 -6.93
CA LYS B 32 -6.50 15.93 -7.18
C LYS B 32 -6.30 14.72 -8.07
N PRO B 33 -5.14 14.67 -8.73
CA PRO B 33 -4.88 13.49 -9.50
C PRO B 33 -4.59 12.29 -8.54
N VAL B 34 -5.27 11.17 -8.79
CA VAL B 34 -5.16 9.98 -8.01
C VAL B 34 -4.83 8.78 -8.89
N VAL B 35 -3.81 8.02 -8.50
CA VAL B 35 -3.36 6.91 -9.33
C VAL B 35 -3.27 5.63 -8.51
N VAL B 36 -4.05 4.63 -8.85
CA VAL B 36 -3.96 3.42 -8.10
C VAL B 36 -3.00 2.47 -8.85
N CYS B 37 -2.06 1.91 -8.12
CA CYS B 37 -0.94 1.12 -8.67
C CYS B 37 -0.81 -0.35 -8.18
N VAL B 38 -0.20 -1.15 -9.04
CA VAL B 38 0.26 -2.48 -8.67
C VAL B 38 1.76 -2.31 -8.50
N PHE B 39 2.25 -2.51 -7.29
CA PHE B 39 3.68 -2.46 -7.08
C PHE B 39 4.28 -3.85 -7.20
N SER B 40 5.22 -4.01 -8.14
CA SER B 40 5.74 -5.30 -8.57
C SER B 40 6.86 -5.91 -7.72
N GLY B 41 7.29 -5.17 -6.68
CA GLY B 41 8.34 -5.58 -5.75
C GLY B 41 9.78 -5.59 -6.29
N ARG B 42 9.92 -5.87 -7.59
CA ARG B 42 11.26 -6.02 -8.22
C ARG B 42 12.28 -4.98 -7.77
N PHE B 43 11.85 -3.72 -7.70
CA PHE B 43 12.62 -2.54 -7.28
C PHE B 43 11.59 -1.55 -6.71
N GLU B 44 12.05 -0.47 -6.12
CA GLU B 44 11.12 0.54 -5.67
C GLU B 44 10.38 1.06 -6.89
N ASP B 45 9.07 1.19 -6.80
CA ASP B 45 8.35 1.85 -7.92
C ASP B 45 8.36 1.16 -9.29
N SER B 46 8.83 -0.07 -9.37
CA SER B 46 8.45 -0.92 -10.50
C SER B 46 7.00 -1.34 -10.36
N GLY B 47 6.32 -1.40 -11.48
CA GLY B 47 4.96 -1.84 -11.50
C GLY B 47 4.19 -0.94 -12.45
N ALA B 48 2.88 -1.06 -12.37
CA ALA B 48 2.06 -0.50 -13.34
C ALA B 48 0.92 0.27 -12.68
N VAL B 49 0.44 1.29 -13.38
CA VAL B 49 -0.77 1.94 -12.98
C VAL B 49 -1.94 1.00 -13.30
N ALA B 50 -2.87 0.85 -12.36
CA ALA B 50 -4.04 0.03 -12.61
C ALA B 50 -5.26 0.93 -12.96
N THR B 51 -5.40 2.03 -12.24
CA THR B 51 -6.39 3.00 -12.60
C THR B 51 -6.04 4.43 -12.08
N ALA B 52 -6.28 5.41 -12.93
CA ALA B 52 -6.17 6.83 -12.62
C ALA B 52 -7.57 7.41 -12.60
N ASN B 53 -7.83 8.44 -11.80
CA ASN B 53 -9.07 9.12 -11.94
C ASN B 53 -8.96 10.14 -13.13
N TYR B 54 -10.07 10.69 -13.58
CA TYR B 54 -10.06 11.67 -14.73
C TYR B 54 -9.01 12.82 -14.61
N GLU B 55 -8.80 13.39 -13.43
CA GLU B 55 -7.79 14.41 -13.29
C GLU B 55 -6.42 13.98 -13.78
N ALA B 56 -6.10 12.71 -13.53
CA ALA B 56 -4.83 12.08 -13.92
C ALA B 56 -4.81 11.69 -15.37
N ARG B 57 -5.91 11.13 -15.86
CA ARG B 57 -6.11 10.88 -17.30
C ARG B 57 -5.82 12.11 -18.19
N LYS B 58 -6.47 13.23 -17.88
CA LYS B 58 -6.30 14.50 -18.58
C LYS B 58 -4.90 14.63 -19.11
N PHE B 59 -3.91 14.37 -18.25
CA PHE B 59 -2.52 14.57 -18.59
C PHE B 59 -1.81 13.30 -19.06
N GLY B 60 -2.58 12.24 -19.36
CA GLY B 60 -1.98 11.05 -19.92
C GLY B 60 -1.58 9.96 -18.93
N VAL B 61 -1.85 10.15 -17.65
CA VAL B 61 -1.56 9.06 -16.72
C VAL B 61 -2.70 8.11 -16.81
N LYS B 62 -2.49 6.93 -17.38
CA LYS B 62 -3.59 6.01 -17.63
C LYS B 62 -3.23 4.51 -17.23
N ALA B 63 -4.25 3.64 -17.14
CA ALA B 63 -4.05 2.20 -16.87
C ALA B 63 -3.01 1.50 -17.78
N GLY B 64 -2.04 0.84 -17.20
CA GLY B 64 -1.11 0.15 -18.08
C GLY B 64 0.21 0.85 -18.12
N ILE B 65 0.26 2.14 -17.86
CA ILE B 65 1.60 2.72 -17.91
C ILE B 65 2.45 2.35 -16.74
N PRO B 66 3.76 2.25 -16.97
CA PRO B 66 4.63 1.99 -15.84
C PRO B 66 4.51 3.14 -14.86
N ILE B 67 4.60 2.84 -13.57
CA ILE B 67 4.59 3.87 -12.56
C ILE B 67 5.67 4.90 -12.82
N VAL B 68 6.88 4.45 -13.10
CA VAL B 68 8.01 5.39 -13.39
C VAL B 68 7.64 6.42 -14.49
N GLU B 69 6.84 6.00 -15.47
CA GLU B 69 6.42 6.91 -16.52
C GLU B 69 5.39 7.86 -15.96
N ALA B 70 4.39 7.34 -15.22
CA ALA B 70 3.34 8.24 -14.66
C ALA B 70 3.99 9.38 -13.82
N LYS B 71 5.06 9.07 -13.10
CA LYS B 71 5.74 10.08 -12.25
C LYS B 71 6.48 11.16 -12.98
N LYS B 72 6.82 10.88 -14.25
CA LYS B 72 7.42 11.89 -15.13
C LYS B 72 6.34 12.90 -15.54
N ILE B 73 5.14 12.42 -15.72
CA ILE B 73 4.05 13.23 -16.19
C ILE B 73 3.40 13.97 -15.03
N LEU B 74 3.09 13.27 -13.94
CA LEU B 74 2.48 13.89 -12.78
C LEU B 74 3.25 13.54 -11.53
N PRO B 75 4.37 14.25 -11.28
CA PRO B 75 5.26 13.89 -10.18
C PRO B 75 4.59 14.02 -8.83
N ASN B 76 3.57 14.86 -8.79
CA ASN B 76 2.88 15.19 -7.55
C ASN B 76 1.48 14.65 -7.42
N ALA B 77 1.09 13.69 -8.24
CA ALA B 77 -0.17 13.05 -8.00
C ALA B 77 -0.02 12.11 -6.79
N VAL B 78 -1.11 11.57 -6.27
CA VAL B 78 -1.07 10.62 -5.18
C VAL B 78 -1.03 9.25 -5.81
N TYR B 79 -0.05 8.43 -5.42
CA TYR B 79 0.08 7.07 -5.94
C TYR B 79 -0.34 6.15 -4.82
N LEU B 80 -1.31 5.28 -5.03
CA LEU B 80 -1.77 4.46 -3.93
C LEU B 80 -1.62 3.04 -4.35
N PRO B 81 -1.42 2.13 -3.38
CA PRO B 81 -1.30 0.70 -3.66
C PRO B 81 -2.69 0.20 -3.85
N MET B 82 -2.86 -0.78 -4.71
CA MET B 82 -4.15 -1.37 -4.91
C MET B 82 -4.72 -2.04 -3.64
N ARG B 83 -6.01 -1.94 -3.41
CA ARG B 83 -6.67 -2.66 -2.30
C ARG B 83 -7.85 -3.44 -2.85
N LYS B 84 -7.56 -4.50 -3.59
CA LYS B 84 -8.59 -5.36 -4.14
C LYS B 84 -9.73 -5.64 -3.17
N GLU B 85 -9.38 -6.07 -1.96
CA GLU B 85 -10.31 -6.48 -0.92
C GLU B 85 -11.22 -5.38 -0.55
N VAL B 86 -10.71 -4.17 -0.46
CA VAL B 86 -11.55 -3.03 -0.14
C VAL B 86 -12.51 -2.73 -1.31
N TYR B 87 -12.02 -2.84 -2.54
CA TYR B 87 -12.83 -2.49 -3.70
C TYR B 87 -13.89 -3.60 -3.92
N GLN B 88 -13.50 -4.84 -3.57
CA GLN B 88 -14.37 -6.03 -3.64
C GLN B 88 -15.55 -5.97 -2.66
N GLN B 89 -15.27 -5.46 -1.49
CA GLN B 89 -16.26 -5.16 -0.52
C GLN B 89 -17.29 -4.35 -1.20
N VAL B 90 -16.91 -3.15 -1.61
CA VAL B 90 -17.81 -2.21 -2.22
C VAL B 90 -18.60 -2.80 -3.39
N SER B 91 -17.94 -3.56 -4.23
CA SER B 91 -18.57 -4.12 -5.40
C SER B 91 -19.71 -5.11 -4.97
N SER B 92 -19.41 -6.02 -4.04
CA SER B 92 -20.39 -7.04 -3.63
C SER B 92 -21.66 -6.40 -3.11
N ARG B 93 -21.48 -5.35 -2.31
CA ARG B 93 -22.59 -4.54 -1.86
C ARG B 93 -23.34 -4.00 -3.06
N ILE B 94 -22.63 -3.41 -4.04
CA ILE B 94 -23.30 -2.84 -5.20
C ILE B 94 -23.99 -3.87 -6.06
N MET B 95 -23.39 -5.05 -6.24
CA MET B 95 -23.95 -6.09 -7.10
C MET B 95 -25.29 -6.57 -6.51
N ASN B 96 -25.29 -6.74 -5.18
CA ASN B 96 -26.51 -6.98 -4.44
C ASN B 96 -27.62 -5.96 -4.68
N LEU B 97 -27.33 -4.66 -4.60
CA LEU B 97 -28.31 -3.65 -4.95
C LEU B 97 -28.85 -3.87 -6.38
N LEU B 98 -28.00 -4.31 -7.30
CA LEU B 98 -28.44 -4.57 -8.66
C LEU B 98 -29.36 -5.79 -8.81
N ARG B 99 -29.24 -6.80 -7.95
CA ARG B 99 -30.19 -7.94 -8.01
C ARG B 99 -31.61 -7.56 -7.61
N GLU B 100 -31.72 -6.55 -6.75
CA GLU B 100 -33.01 -5.95 -6.40
C GLU B 100 -33.73 -5.44 -7.66
N TYR B 101 -33.07 -5.52 -8.81
CA TYR B 101 -33.70 -5.10 -10.07
C TYR B 101 -33.93 -6.21 -11.09
N SER B 102 -33.04 -7.20 -11.16
CA SER B 102 -33.27 -8.36 -12.02
C SER B 102 -32.64 -9.63 -11.46
N GLU B 103 -33.26 -10.76 -11.78
CA GLU B 103 -32.73 -12.08 -11.46
C GLU B 103 -31.68 -12.38 -12.52
N LYS B 104 -32.12 -12.37 -13.79
CA LYS B 104 -31.24 -12.35 -14.96
C LYS B 104 -30.26 -11.20 -14.64
N ILE B 105 -29.03 -11.57 -14.35
CA ILE B 105 -28.00 -10.59 -13.99
C ILE B 105 -26.65 -11.26 -14.19
N GLU B 106 -25.91 -10.80 -15.20
CA GLU B 106 -24.60 -11.33 -15.50
C GLU B 106 -23.55 -10.35 -14.93
N ILE B 107 -22.89 -10.75 -13.85
CA ILE B 107 -21.77 -10.01 -13.29
C ILE B 107 -20.47 -10.35 -14.03
N ALA B 108 -19.94 -9.39 -14.80
CA ALA B 108 -18.83 -9.62 -15.78
C ALA B 108 -17.41 -9.35 -15.21
N SER B 109 -17.33 -8.38 -14.29
CA SER B 109 -16.05 -8.02 -13.62
C SER B 109 -16.31 -7.48 -12.18
N ILE B 110 -15.25 -7.08 -11.48
CA ILE B 110 -15.40 -6.41 -10.18
C ILE B 110 -16.23 -5.12 -10.32
N ASP B 111 -16.31 -4.59 -11.54
CA ASP B 111 -16.92 -3.25 -11.67
C ASP B 111 -18.11 -3.15 -12.62
N GLU B 112 -18.52 -4.28 -13.22
CA GLU B 112 -19.52 -4.32 -14.31
C GLU B 112 -20.58 -5.38 -14.13
N ALA B 113 -21.83 -5.07 -14.50
CA ALA B 113 -22.88 -6.09 -14.63
C ALA B 113 -23.90 -5.73 -15.69
N TYR B 114 -24.44 -6.78 -16.32
CA TYR B 114 -25.61 -6.73 -17.22
C TYR B 114 -26.86 -7.22 -16.50
N LEU B 115 -27.99 -6.56 -16.73
CA LEU B 115 -29.28 -7.12 -16.36
C LEU B 115 -30.16 -7.27 -17.60
N ASP B 116 -30.70 -8.47 -17.80
CA ASP B 116 -31.72 -8.62 -18.81
C ASP B 116 -32.97 -8.12 -18.11
N ILE B 117 -33.45 -6.97 -18.56
CA ILE B 117 -34.62 -6.36 -17.93
C ILE B 117 -35.87 -6.46 -18.83
N SER B 118 -35.88 -7.48 -19.70
CA SER B 118 -36.93 -7.69 -20.70
C SER B 118 -38.35 -7.85 -20.13
N ASP B 119 -38.48 -8.68 -19.10
CA ASP B 119 -39.74 -8.91 -18.35
C ASP B 119 -40.05 -7.83 -17.30
N LYS B 120 -39.32 -6.72 -17.38
CA LYS B 120 -39.33 -5.70 -16.33
C LYS B 120 -39.74 -4.36 -16.90
N VAL B 121 -39.70 -4.22 -18.22
CA VAL B 121 -39.92 -2.92 -18.87
C VAL B 121 -40.64 -3.06 -20.23
N ARG B 122 -41.52 -2.10 -20.53
CA ARG B 122 -42.24 -2.05 -21.81
C ARG B 122 -41.34 -1.57 -22.96
N ASP B 123 -40.37 -0.69 -22.67
CA ASP B 123 -39.62 0.00 -23.72
C ASP B 123 -38.35 0.72 -23.23
N TYR B 124 -37.70 1.41 -24.17
CA TYR B 124 -36.41 2.06 -23.94
C TYR B 124 -36.54 3.29 -23.05
N ARG B 125 -37.74 3.89 -23.05
CA ARG B 125 -38.01 5.06 -22.22
C ARG B 125 -38.16 4.69 -20.73
N GLU B 126 -38.66 3.49 -20.47
CA GLU B 126 -38.83 2.97 -19.11
C GLU B 126 -37.53 2.31 -18.67
N ALA B 127 -36.73 1.90 -19.64
CA ALA B 127 -35.39 1.42 -19.33
C ALA B 127 -34.56 2.59 -18.82
N TYR B 128 -34.62 3.74 -19.48
CA TYR B 128 -33.88 4.95 -19.10
C TYR B 128 -34.18 5.35 -17.66
N ASN B 129 -35.45 5.48 -17.29
CA ASN B 129 -35.78 5.83 -15.89
C ASN B 129 -35.40 4.76 -14.85
N LEU B 130 -35.36 3.49 -15.26
CA LEU B 130 -34.90 2.41 -14.40
C LEU B 130 -33.45 2.67 -14.08
N GLY B 131 -32.67 2.95 -15.13
CA GLY B 131 -31.30 3.47 -15.04
C GLY B 131 -31.09 4.52 -13.95
N LEU B 132 -31.90 5.58 -13.95
CA LEU B 132 -31.68 6.69 -13.00
C LEU B 132 -31.95 6.28 -11.54
N GLU B 133 -32.93 5.41 -11.34
CA GLU B 133 -33.25 4.90 -10.01
C GLU B 133 -32.07 4.07 -9.47
N ILE B 134 -31.45 3.32 -10.37
CA ILE B 134 -30.26 2.52 -10.07
C ILE B 134 -29.08 3.45 -9.83
N LYS B 135 -28.76 4.30 -10.80
CA LYS B 135 -27.68 5.28 -10.62
C LYS B 135 -27.81 6.07 -9.31
N ASN B 136 -28.87 6.86 -9.18
CA ASN B 136 -29.10 7.69 -7.98
C ASN B 136 -29.05 6.92 -6.65
N LYS B 137 -29.45 5.65 -6.68
CA LYS B 137 -29.46 4.78 -5.49
C LYS B 137 -28.06 4.27 -5.03
N ILE B 138 -27.29 3.75 -5.98
CA ILE B 138 -25.87 3.41 -5.78
C ILE B 138 -25.17 4.64 -5.20
N LEU B 139 -25.43 5.82 -5.78
CA LEU B 139 -24.88 7.04 -5.26
C LEU B 139 -25.32 7.20 -3.85
N GLU B 140 -26.62 7.10 -3.61
CA GLU B 140 -27.11 7.43 -2.29
C GLU B 140 -26.52 6.49 -1.22
N LYS B 141 -26.33 5.22 -1.56
CA LYS B 141 -25.88 4.19 -0.58
C LYS B 141 -24.36 3.89 -0.50
N GLU B 142 -23.61 4.20 -1.56
CA GLU B 142 -22.18 3.89 -1.59
C GLU B 142 -21.37 5.07 -2.02
N LYS B 143 -22.01 6.17 -2.35
CA LYS B 143 -21.36 7.38 -2.89
C LYS B 143 -20.56 7.15 -4.17
N ILE B 144 -20.73 5.98 -4.78
CA ILE B 144 -20.05 5.67 -6.04
C ILE B 144 -20.93 6.10 -7.22
N THR B 145 -20.37 6.87 -8.16
CA THR B 145 -21.00 7.10 -9.47
C THR B 145 -20.74 5.97 -10.47
N VAL B 146 -21.78 5.68 -11.24
CA VAL B 146 -21.70 4.65 -12.26
C VAL B 146 -22.22 5.17 -13.60
N THR B 147 -21.85 4.49 -14.69
CA THR B 147 -22.48 4.78 -16.01
C THR B 147 -23.43 3.66 -16.45
N VAL B 148 -24.52 4.03 -17.12
CA VAL B 148 -25.52 3.04 -17.60
C VAL B 148 -25.64 2.94 -19.12
N GLY B 149 -25.66 1.70 -19.61
CA GLY B 149 -25.75 1.38 -21.02
C GLY B 149 -26.96 0.50 -21.30
N ILE B 150 -27.78 0.94 -22.27
CA ILE B 150 -29.09 0.37 -22.49
C ILE B 150 -29.22 0.15 -23.97
N SER B 151 -29.53 -1.08 -24.37
CA SER B 151 -29.59 -1.44 -25.77
C SER B 151 -30.14 -2.85 -25.95
N LYS B 152 -30.13 -3.36 -27.17
CA LYS B 152 -30.82 -4.62 -27.51
C LYS B 152 -30.02 -5.89 -27.18
N ASN B 153 -28.73 -5.71 -26.86
CA ASN B 153 -27.82 -6.80 -26.47
C ASN B 153 -26.64 -6.33 -25.63
N LYS B 154 -25.85 -7.29 -25.16
CA LYS B 154 -24.75 -6.99 -24.20
C LYS B 154 -23.73 -6.00 -24.78
N VAL B 155 -23.22 -6.28 -25.99
CA VAL B 155 -22.17 -5.46 -26.60
C VAL B 155 -22.57 -4.00 -26.71
N PHE B 156 -23.72 -3.77 -27.32
CA PHE B 156 -24.19 -2.43 -27.59
C PHE B 156 -24.67 -1.71 -26.36
N ALA B 157 -25.28 -2.45 -25.45
CA ALA B 157 -25.44 -1.92 -24.09
C ALA B 157 -24.10 -1.39 -23.55
N LYS B 158 -23.02 -2.12 -23.83
CA LYS B 158 -21.68 -1.80 -23.28
C LYS B 158 -21.08 -0.63 -24.03
N ILE B 159 -21.17 -0.67 -25.38
CA ILE B 159 -20.75 0.47 -26.20
C ILE B 159 -21.47 1.74 -25.67
N ALA B 160 -22.77 1.64 -25.37
CA ALA B 160 -23.50 2.79 -24.78
C ALA B 160 -22.74 3.40 -23.57
N ALA B 161 -22.49 2.55 -22.56
CA ALA B 161 -21.66 2.92 -21.37
C ALA B 161 -20.36 3.62 -21.72
N ASP B 162 -19.53 3.01 -22.54
CA ASP B 162 -18.27 3.69 -22.97
C ASP B 162 -18.47 5.12 -23.49
N MET B 163 -19.43 5.31 -24.40
CA MET B 163 -19.75 6.64 -24.89
C MET B 163 -20.19 7.61 -23.80
N ALA B 164 -21.08 7.20 -22.89
CA ALA B 164 -21.60 8.09 -21.81
C ALA B 164 -20.75 8.34 -20.57
N LYS B 165 -19.55 7.77 -20.50
CA LYS B 165 -18.81 7.79 -19.23
C LYS B 165 -18.06 9.10 -18.99
N PRO B 166 -17.98 9.54 -17.72
CA PRO B 166 -18.50 8.97 -16.49
C PRO B 166 -19.76 9.66 -15.93
N ASN B 167 -20.36 9.07 -14.92
CA ASN B 167 -21.59 9.59 -14.31
C ASN B 167 -22.64 9.88 -15.37
N GLY B 168 -23.03 8.84 -16.10
CA GLY B 168 -23.72 8.97 -17.35
C GLY B 168 -24.71 7.86 -17.64
N ILE B 169 -25.56 8.11 -18.63
CA ILE B 169 -26.63 7.20 -18.99
C ILE B 169 -26.89 7.31 -20.49
N LYS B 170 -26.96 6.18 -21.18
CA LYS B 170 -27.13 6.24 -22.63
C LYS B 170 -27.89 5.06 -23.23
N VAL B 171 -29.01 5.39 -23.88
CA VAL B 171 -29.79 4.42 -24.63
C VAL B 171 -29.24 4.40 -26.05
N ILE B 172 -29.44 3.29 -26.76
CA ILE B 172 -29.09 3.12 -28.15
C ILE B 172 -30.25 2.33 -28.78
N ASP B 173 -31.27 3.05 -29.22
CA ASP B 173 -32.43 2.44 -29.86
C ASP B 173 -32.00 1.61 -31.08
N ASP B 174 -32.98 0.95 -31.70
CA ASP B 174 -32.75 0.19 -32.93
C ASP B 174 -32.09 0.98 -34.08
N GLU B 175 -32.35 2.29 -34.14
CA GLU B 175 -31.72 3.16 -35.16
C GLU B 175 -30.20 3.40 -34.95
N GLU B 176 -29.81 3.95 -33.81
CA GLU B 176 -28.36 4.10 -33.57
C GLU B 176 -27.53 2.81 -33.71
N VAL B 177 -28.12 1.63 -33.42
CA VAL B 177 -27.43 0.34 -33.65
C VAL B 177 -26.98 0.24 -35.10
N LYS B 178 -27.91 0.62 -35.99
CA LYS B 178 -27.63 0.87 -37.42
C LYS B 178 -26.50 1.92 -37.58
N ARG B 179 -26.65 3.07 -36.94
CA ARG B 179 -25.69 4.16 -37.04
C ARG B 179 -24.31 3.73 -36.56
N LEU B 180 -24.27 3.10 -35.40
CA LEU B 180 -23.01 2.68 -34.79
C LEU B 180 -22.32 1.64 -35.64
N ILE B 181 -23.08 0.66 -36.13
CA ILE B 181 -22.49 -0.42 -36.92
C ILE B 181 -21.63 0.19 -38.04
N ARG B 182 -22.08 1.33 -38.56
CA ARG B 182 -21.32 2.08 -39.56
C ARG B 182 -20.29 3.03 -38.95
N GLU B 183 -20.65 3.83 -37.95
CA GLU B 183 -19.78 4.94 -37.57
C GLU B 183 -18.76 4.66 -36.44
N LEU B 184 -18.81 3.49 -35.84
CA LEU B 184 -17.92 3.22 -34.70
C LEU B 184 -16.61 2.54 -35.09
N ASP B 185 -15.51 3.09 -34.58
CA ASP B 185 -14.18 2.51 -34.70
C ASP B 185 -14.07 1.05 -34.16
N ILE B 186 -13.37 0.22 -34.94
CA ILE B 186 -13.19 -1.21 -34.68
C ILE B 186 -12.52 -1.53 -33.32
N ALA B 187 -11.68 -0.61 -32.84
CA ALA B 187 -10.98 -0.80 -31.57
C ALA B 187 -11.78 -0.32 -30.37
N ASP B 188 -12.97 0.24 -30.59
CA ASP B 188 -13.90 0.51 -29.48
C ASP B 188 -14.96 -0.59 -29.31
N VAL B 189 -14.93 -1.61 -30.17
CA VAL B 189 -15.80 -2.76 -29.96
C VAL B 189 -15.21 -3.64 -28.84
N PRO B 190 -16.03 -3.99 -27.83
CA PRO B 190 -15.60 -4.88 -26.72
C PRO B 190 -15.06 -6.22 -27.20
N GLY B 191 -14.02 -6.73 -26.54
CA GLY B 191 -13.40 -7.97 -26.94
C GLY B 191 -12.37 -7.80 -28.04
N ILE B 192 -12.38 -6.63 -28.68
CA ILE B 192 -11.42 -6.36 -29.75
C ILE B 192 -10.33 -5.48 -29.14
N GLY B 193 -9.17 -6.10 -28.93
CA GLY B 193 -8.10 -5.47 -28.17
C GLY B 193 -7.17 -4.75 -29.12
N ASN B 194 -5.88 -4.73 -28.79
CA ASN B 194 -4.93 -3.94 -29.56
C ASN B 194 -4.27 -4.80 -30.63
N ILE B 195 -3.94 -6.04 -30.28
CA ILE B 195 -3.37 -6.99 -31.26
C ILE B 195 -4.33 -7.29 -32.44
N THR B 196 -5.64 -7.22 -32.17
CA THR B 196 -6.67 -7.41 -33.21
C THR B 196 -6.93 -6.12 -33.94
N ALA B 197 -7.04 -5.03 -33.20
CA ALA B 197 -7.30 -3.76 -33.83
C ALA B 197 -6.19 -3.36 -34.77
N GLU B 198 -4.94 -3.70 -34.47
CA GLU B 198 -3.85 -3.38 -35.41
C GLU B 198 -3.76 -4.39 -36.58
N LYS B 199 -4.14 -5.64 -36.34
CA LYS B 199 -4.19 -6.62 -37.42
C LYS B 199 -5.20 -6.25 -38.50
N LEU B 200 -6.34 -5.69 -38.09
CA LEU B 200 -7.40 -5.27 -39.01
C LEU B 200 -7.08 -3.96 -39.70
N LYS B 201 -6.33 -3.12 -39.01
CA LYS B 201 -5.86 -1.85 -39.56
C LYS B 201 -4.99 -2.10 -40.78
N LYS B 202 -4.20 -3.16 -40.72
CA LYS B 202 -3.45 -3.62 -41.88
C LYS B 202 -4.34 -3.85 -43.14
N LEU B 203 -5.56 -4.37 -42.95
CA LEU B 203 -6.46 -4.71 -44.08
C LEU B 203 -7.59 -3.70 -44.35
N GLY B 204 -7.33 -2.42 -44.09
CA GLY B 204 -8.28 -1.33 -44.36
C GLY B 204 -9.55 -1.28 -43.52
N ILE B 205 -9.66 -2.12 -42.49
CA ILE B 205 -10.86 -2.17 -41.65
C ILE B 205 -10.76 -1.17 -40.51
N ASN B 206 -11.74 -0.26 -40.43
CA ASN B 206 -11.75 0.78 -39.41
C ASN B 206 -13.10 0.82 -38.70
N LYS B 207 -14.14 0.58 -39.49
CA LYS B 207 -15.49 0.67 -39.00
C LYS B 207 -15.99 -0.73 -38.83
N LEU B 208 -16.98 -0.89 -37.97
CA LEU B 208 -17.61 -2.17 -37.80
C LEU B 208 -18.22 -2.68 -39.13
N VAL B 209 -18.71 -1.75 -39.96
CA VAL B 209 -19.36 -2.14 -41.21
C VAL B 209 -18.38 -2.60 -42.30
N ASP B 210 -17.09 -2.28 -42.11
CA ASP B 210 -16.03 -2.71 -43.04
C ASP B 210 -15.77 -4.24 -43.06
N THR B 211 -16.36 -4.98 -42.12
CA THR B 211 -16.12 -6.41 -42.06
C THR B 211 -16.92 -7.16 -43.10
N LEU B 212 -18.06 -6.59 -43.48
CA LEU B 212 -18.94 -7.19 -44.50
C LEU B 212 -18.31 -6.97 -45.88
N SER B 213 -17.82 -5.74 -46.06
CA SER B 213 -17.13 -5.28 -47.28
C SER B 213 -15.94 -6.14 -47.68
N ILE B 214 -15.17 -6.62 -46.70
CA ILE B 214 -14.04 -7.48 -47.02
C ILE B 214 -14.36 -8.97 -46.84
N GLU B 215 -13.87 -9.73 -47.80
CA GLU B 215 -14.01 -11.18 -47.89
C GLU B 215 -13.81 -11.85 -46.53
N PHE B 216 -14.78 -12.68 -46.13
CA PHE B 216 -14.66 -13.35 -44.84
C PHE B 216 -13.33 -14.08 -44.75
N ASP B 217 -13.22 -15.13 -45.53
CA ASP B 217 -12.06 -15.97 -45.53
C ASP B 217 -10.78 -15.26 -45.22
N LYS B 218 -10.66 -14.03 -45.64
CA LYS B 218 -9.43 -13.30 -45.45
C LYS B 218 -9.40 -12.71 -44.04
N LEU B 219 -10.56 -12.47 -43.46
CA LEU B 219 -10.65 -12.08 -42.06
C LEU B 219 -10.26 -13.29 -41.25
N LYS B 220 -11.11 -14.31 -41.28
CA LYS B 220 -10.87 -15.50 -40.44
C LYS B 220 -9.40 -15.88 -40.38
N GLY B 221 -8.68 -15.60 -41.47
CA GLY B 221 -7.24 -15.77 -41.52
C GLY B 221 -6.63 -14.92 -40.42
N MET B 222 -6.33 -13.67 -40.77
CA MET B 222 -5.63 -12.76 -39.86
C MET B 222 -6.03 -12.86 -38.36
N ILE B 223 -7.33 -12.73 -38.02
CA ILE B 223 -7.77 -12.62 -36.60
C ILE B 223 -8.53 -13.81 -35.99
N GLY B 224 -8.46 -14.97 -36.64
CA GLY B 224 -9.12 -16.18 -36.12
C GLY B 224 -10.61 -16.26 -36.40
N GLU B 225 -11.12 -17.49 -36.41
CA GLU B 225 -12.53 -17.76 -36.65
C GLU B 225 -13.47 -17.01 -35.70
N ALA B 226 -13.39 -17.32 -34.40
CA ALA B 226 -14.37 -16.87 -33.41
C ALA B 226 -14.61 -15.36 -33.35
N LYS B 227 -13.53 -14.57 -33.40
CA LYS B 227 -13.61 -13.10 -33.45
C LYS B 227 -14.28 -12.63 -34.75
N ALA B 228 -13.95 -13.28 -35.84
CA ALA B 228 -14.51 -12.93 -37.15
C ALA B 228 -15.99 -13.27 -37.24
N LYS B 229 -16.40 -14.43 -36.71
CA LYS B 229 -17.83 -14.69 -36.49
C LYS B 229 -18.40 -13.47 -35.79
N TYR B 230 -17.93 -13.26 -34.56
CA TYR B 230 -18.38 -12.21 -33.62
C TYR B 230 -18.60 -10.89 -34.32
N LEU B 231 -17.60 -10.46 -35.07
CA LEU B 231 -17.62 -9.18 -35.71
C LEU B 231 -18.72 -9.11 -36.75
N ILE B 232 -18.70 -9.99 -37.76
CA ILE B 232 -19.81 -10.05 -38.75
C ILE B 232 -21.21 -10.08 -38.06
N SER B 233 -21.39 -10.99 -37.12
CA SER B 233 -22.69 -11.07 -36.42
C SER B 233 -23.05 -9.76 -35.67
N LEU B 234 -22.05 -8.94 -35.36
CA LEU B 234 -22.35 -7.62 -34.82
C LEU B 234 -22.69 -6.71 -35.98
N ALA B 235 -21.93 -6.85 -37.06
CA ALA B 235 -22.07 -5.99 -38.25
C ALA B 235 -23.46 -6.10 -38.81
N ARG B 236 -24.06 -7.27 -38.67
CA ARG B 236 -25.34 -7.55 -39.30
C ARG B 236 -26.50 -7.49 -38.32
N ASP B 237 -26.34 -6.74 -37.23
CA ASP B 237 -27.41 -6.62 -36.23
C ASP B 237 -27.92 -8.02 -35.80
N GLU B 238 -27.00 -8.96 -35.84
CA GLU B 238 -27.27 -10.38 -35.66
C GLU B 238 -26.93 -10.86 -34.22
N TYR B 239 -25.79 -10.42 -33.66
CA TYR B 239 -25.32 -10.91 -32.32
C TYR B 239 -26.45 -10.89 -31.32
N ASN B 240 -26.58 -11.99 -30.59
CA ASN B 240 -27.58 -12.10 -29.53
C ASN B 240 -27.24 -13.16 -28.50
N GLU B 241 -26.50 -12.77 -27.46
CA GLU B 241 -26.06 -13.72 -26.45
C GLU B 241 -26.79 -13.49 -25.15
N PRO B 242 -27.22 -14.58 -24.49
CA PRO B 242 -28.03 -14.38 -23.28
C PRO B 242 -27.17 -13.87 -22.11
N ILE B 243 -27.80 -13.06 -21.24
CA ILE B 243 -27.27 -12.69 -19.95
C ILE B 243 -27.20 -14.00 -19.23
N ARG B 244 -26.00 -14.55 -19.14
CA ARG B 244 -25.75 -15.75 -18.35
C ARG B 244 -24.76 -15.57 -17.19
N THR B 245 -25.22 -15.64 -15.94
CA THR B 245 -24.34 -15.44 -14.79
C THR B 245 -22.97 -16.08 -14.98
N ARG B 246 -21.92 -15.46 -14.46
CA ARG B 246 -20.60 -16.01 -14.76
C ARG B 246 -19.75 -16.99 -13.93
N VAL B 247 -19.51 -16.67 -12.65
CA VAL B 247 -18.66 -17.49 -11.78
C VAL B 247 -17.13 -17.39 -12.01
N ARG B 248 -16.35 -17.73 -10.97
CA ARG B 248 -14.89 -17.80 -11.04
C ARG B 248 -14.45 -19.22 -11.48
N LYS B 249 -13.66 -19.29 -12.55
CA LYS B 249 -13.11 -20.53 -13.07
C LYS B 249 -11.74 -20.89 -12.42
N SER B 250 -10.71 -20.05 -12.60
CA SER B 250 -9.44 -20.31 -11.93
C SER B 250 -9.06 -19.25 -10.86
N ILE B 251 -7.97 -19.47 -10.12
CA ILE B 251 -7.47 -18.50 -9.13
C ILE B 251 -6.00 -18.81 -8.95
N GLY B 252 -5.17 -17.77 -8.91
CA GLY B 252 -3.74 -18.00 -8.96
C GLY B 252 -2.99 -16.75 -8.57
N ARG B 253 -1.66 -16.81 -8.57
CA ARG B 253 -0.84 -15.67 -8.15
C ARG B 253 0.53 -15.83 -8.77
N ILE B 254 1.05 -14.77 -9.42
CA ILE B 254 2.42 -14.73 -9.86
C ILE B 254 3.18 -13.72 -9.04
N VAL B 255 4.39 -14.07 -8.64
CA VAL B 255 5.26 -13.11 -8.01
C VAL B 255 6.51 -12.95 -8.89
N THR B 256 7.19 -11.81 -8.75
CA THR B 256 8.45 -11.56 -9.44
C THR B 256 9.59 -11.82 -8.49
N MET B 257 10.56 -12.63 -8.91
CA MET B 257 11.78 -12.86 -8.07
C MET B 257 12.73 -11.67 -8.09
N LYS B 258 13.67 -11.64 -7.14
CA LYS B 258 14.62 -10.54 -6.99
C LYS B 258 15.70 -10.58 -8.04
N ARG B 259 16.56 -11.60 -7.99
CA ARG B 259 17.41 -11.95 -9.13
C ARG B 259 16.58 -12.96 -9.93
N ASN B 260 16.85 -13.13 -11.22
CA ASN B 260 16.35 -14.31 -11.93
C ASN B 260 17.07 -15.51 -11.37
N SER B 261 16.83 -16.69 -11.95
CA SER B 261 17.36 -17.94 -11.42
C SER B 261 16.85 -19.16 -12.20
N ARG B 262 17.57 -20.28 -12.03
CA ARG B 262 17.17 -21.57 -12.57
C ARG B 262 17.34 -22.57 -11.43
N ASN B 263 17.95 -22.06 -10.35
CA ASN B 263 18.19 -22.81 -9.13
C ASN B 263 16.84 -23.16 -8.46
N LEU B 264 16.50 -24.45 -8.47
CA LEU B 264 15.23 -24.94 -7.89
C LEU B 264 15.01 -24.54 -6.43
N GLU B 265 16.09 -24.49 -5.66
CA GLU B 265 15.97 -24.18 -4.25
C GLU B 265 15.86 -22.68 -3.97
N GLU B 266 16.30 -21.87 -4.93
CA GLU B 266 16.17 -20.42 -4.82
C GLU B 266 14.70 -20.04 -5.07
N ILE B 267 14.17 -20.58 -6.16
CA ILE B 267 12.80 -20.39 -6.55
C ILE B 267 11.78 -20.89 -5.51
N LYS B 268 11.91 -22.14 -5.05
CA LYS B 268 10.84 -22.76 -4.24
C LYS B 268 10.07 -21.78 -3.30
N PRO B 269 10.78 -21.01 -2.43
CA PRO B 269 10.21 -19.93 -1.64
C PRO B 269 9.17 -19.09 -2.33
N TYR B 270 9.51 -18.59 -3.51
CA TYR B 270 8.62 -17.72 -4.25
C TYR B 270 7.38 -18.49 -4.66
N LEU B 271 7.59 -19.69 -5.19
CA LEU B 271 6.50 -20.60 -5.56
C LEU B 271 5.60 -20.94 -4.38
N PHE B 272 6.18 -21.12 -3.19
CA PHE B 272 5.36 -21.47 -2.00
C PHE B 272 4.50 -20.28 -1.52
N ARG B 273 5.08 -19.09 -1.51
CA ARG B 273 4.35 -17.82 -1.38
C ARG B 273 3.14 -17.83 -2.31
N ALA B 274 3.38 -18.08 -3.61
CA ALA B 274 2.26 -17.99 -4.56
C ALA B 274 1.18 -18.97 -4.20
N ILE B 275 1.57 -20.14 -3.69
CA ILE B 275 0.62 -21.15 -3.29
C ILE B 275 -0.18 -20.67 -2.08
N GLU B 276 0.53 -20.22 -1.04
CA GLU B 276 -0.06 -19.75 0.25
C GLU B 276 -1.07 -18.67 -0.05
N GLU B 277 -0.68 -17.74 -0.90
CA GLU B 277 -1.60 -16.70 -1.31
C GLU B 277 -2.79 -17.23 -2.12
N SER B 278 -2.55 -18.16 -3.03
CA SER B 278 -3.64 -18.78 -3.80
C SER B 278 -4.61 -19.48 -2.89
N TYR B 279 -4.13 -20.24 -1.91
CA TYR B 279 -5.07 -20.89 -0.97
C TYR B 279 -5.89 -19.92 -0.12
N TYR B 280 -5.29 -18.81 0.30
CA TYR B 280 -6.03 -17.78 0.98
C TYR B 280 -7.17 -17.27 0.06
N LYS B 281 -6.92 -17.24 -1.22
CA LYS B 281 -7.91 -16.74 -2.17
C LYS B 281 -8.99 -17.75 -2.48
N LEU B 282 -8.65 -19.03 -2.66
CA LEU B 282 -9.70 -20.02 -2.86
C LEU B 282 -10.22 -20.40 -1.47
N ASP B 283 -11.18 -19.63 -0.94
CA ASP B 283 -11.45 -19.78 0.46
C ASP B 283 -12.60 -20.75 0.54
N LYS B 284 -12.38 -22.02 0.82
CA LYS B 284 -13.66 -22.86 0.72
C LYS B 284 -14.00 -23.31 -0.65
N ARG B 285 -13.33 -22.86 -1.69
CA ARG B 285 -13.42 -23.57 -3.00
C ARG B 285 -12.19 -24.42 -3.03
N ILE B 286 -12.40 -25.63 -3.56
CA ILE B 286 -11.38 -26.69 -3.55
C ILE B 286 -11.01 -27.09 -4.99
N PRO B 287 -9.75 -26.88 -5.38
CA PRO B 287 -9.43 -27.07 -6.80
C PRO B 287 -9.06 -28.52 -7.06
N LYS B 288 -9.13 -28.94 -8.33
CA LYS B 288 -8.69 -30.30 -8.73
C LYS B 288 -7.48 -30.25 -9.67
N ALA B 289 -7.26 -29.08 -10.23
CA ALA B 289 -6.18 -28.92 -11.15
C ALA B 289 -5.28 -27.77 -10.69
N ILE B 290 -3.98 -27.96 -10.88
CA ILE B 290 -3.01 -26.94 -10.54
C ILE B 290 -2.03 -26.75 -11.68
N HIS B 291 -1.62 -25.51 -11.96
CA HIS B 291 -0.62 -25.22 -12.98
C HIS B 291 0.52 -24.40 -12.41
N VAL B 292 1.76 -24.74 -12.72
CA VAL B 292 2.86 -23.83 -12.42
C VAL B 292 3.10 -22.96 -13.65
N VAL B 293 3.24 -21.66 -13.44
CA VAL B 293 3.42 -20.72 -14.52
C VAL B 293 4.73 -20.02 -14.26
N ALA B 294 5.52 -19.87 -15.33
CA ALA B 294 6.92 -19.40 -15.28
C ALA B 294 7.15 -18.37 -16.39
N VAL B 295 7.55 -17.17 -16.00
CA VAL B 295 7.88 -16.12 -16.96
C VAL B 295 9.40 -16.10 -17.05
N THR B 296 9.88 -16.35 -18.27
CA THR B 296 11.29 -16.42 -18.62
C THR B 296 11.98 -15.07 -18.45
N GLU B 297 13.32 -15.04 -18.56
CA GLU B 297 14.09 -13.78 -18.54
C GLU B 297 13.63 -12.85 -19.68
N ASP B 298 13.18 -13.45 -20.77
CA ASP B 298 12.71 -12.68 -21.91
C ASP B 298 11.18 -12.62 -22.04
N LEU B 299 10.51 -12.82 -20.90
CA LEU B 299 9.03 -12.71 -20.79
C LEU B 299 8.16 -13.61 -21.71
N ASP B 300 8.67 -14.80 -22.06
CA ASP B 300 7.81 -15.85 -22.60
C ASP B 300 7.01 -16.47 -21.38
N ILE B 301 5.71 -16.63 -21.55
CA ILE B 301 4.92 -17.31 -20.53
C ILE B 301 4.97 -18.82 -20.83
N VAL B 302 5.52 -19.61 -19.91
CA VAL B 302 5.58 -21.08 -20.00
C VAL B 302 4.85 -21.73 -18.81
N SER B 303 4.03 -22.74 -19.06
CA SER B 303 3.31 -23.38 -17.99
C SER B 303 3.29 -24.90 -18.08
N ARG B 304 3.17 -25.57 -16.93
CA ARG B 304 2.82 -26.99 -16.88
C ARG B 304 1.77 -27.25 -15.81
N GLY B 305 0.82 -28.12 -16.11
CA GLY B 305 -0.26 -28.41 -15.19
C GLY B 305 -0.49 -29.87 -14.84
N ARG B 306 -1.49 -30.12 -14.00
CA ARG B 306 -1.93 -31.46 -13.65
C ARG B 306 -3.34 -31.44 -13.13
N THR B 307 -4.07 -32.51 -13.39
CA THR B 307 -5.44 -32.63 -12.95
C THR B 307 -5.52 -33.88 -12.07
N PHE B 308 -6.24 -33.80 -10.94
CA PHE B 308 -6.45 -34.93 -10.04
C PHE B 308 -7.91 -35.35 -10.12
N PRO B 309 -8.18 -36.64 -9.86
CA PRO B 309 -9.56 -37.11 -9.73
C PRO B 309 -10.11 -36.92 -8.30
N HIS B 310 -9.85 -35.73 -7.73
CA HIS B 310 -10.27 -35.33 -6.37
C HIS B 310 -9.61 -33.96 -6.09
N GLY B 311 -10.00 -33.27 -5.01
CA GLY B 311 -9.38 -31.96 -4.62
C GLY B 311 -7.93 -32.06 -4.17
N ILE B 312 -7.21 -30.96 -4.17
CA ILE B 312 -5.78 -30.87 -3.90
C ILE B 312 -5.66 -30.19 -2.50
N SER B 313 -5.42 -30.99 -1.46
CA SER B 313 -5.05 -30.38 -0.20
C SER B 313 -3.90 -29.49 -0.50
N LYS B 314 -3.75 -28.46 0.33
CA LYS B 314 -2.57 -27.63 0.40
C LYS B 314 -1.32 -28.49 0.33
N GLU B 315 -1.37 -29.70 0.92
CA GLU B 315 -0.16 -30.51 1.00
C GLU B 315 0.26 -31.04 -0.37
N THR B 316 -0.67 -31.70 -1.07
CA THR B 316 -0.54 -32.08 -2.46
C THR B 316 -0.11 -30.90 -3.38
N ALA B 317 -0.54 -29.67 -3.09
CA ALA B 317 -0.24 -28.53 -3.95
C ALA B 317 1.23 -28.20 -3.85
N TYR B 318 1.76 -28.21 -2.62
CA TYR B 318 3.19 -28.09 -2.36
C TYR B 318 4.01 -29.11 -3.13
N SER B 319 3.56 -30.36 -3.14
CA SER B 319 4.43 -31.38 -3.69
C SER B 319 4.26 -31.48 -5.21
N GLU B 320 3.02 -31.46 -5.70
CA GLU B 320 2.80 -31.54 -7.11
C GLU B 320 3.45 -30.38 -7.86
N SER B 321 3.48 -29.23 -7.22
CA SER B 321 3.93 -28.03 -7.91
C SER B 321 5.46 -28.07 -8.06
N VAL B 322 6.13 -28.69 -7.10
CA VAL B 322 7.58 -28.72 -7.11
C VAL B 322 7.93 -29.60 -8.28
N LYS B 323 7.33 -30.79 -8.32
CA LYS B 323 7.39 -31.67 -9.50
C LYS B 323 7.12 -30.92 -10.78
N LEU B 324 6.03 -30.13 -10.84
CA LEU B 324 5.68 -29.43 -12.08
C LEU B 324 6.68 -28.32 -12.41
N LEU B 325 7.23 -27.69 -11.39
CA LEU B 325 8.35 -26.79 -11.55
C LEU B 325 9.55 -27.53 -12.20
N GLN B 326 10.00 -28.63 -11.57
CA GLN B 326 11.04 -29.49 -12.15
C GLN B 326 10.78 -29.84 -13.61
N LYS B 327 9.55 -30.26 -13.90
CA LYS B 327 9.07 -30.54 -15.28
C LYS B 327 8.94 -29.30 -16.22
N ILE B 328 9.35 -28.12 -15.77
CA ILE B 328 9.56 -26.98 -16.68
C ILE B 328 11.07 -26.82 -16.81
N LEU B 329 11.78 -27.00 -15.70
CA LEU B 329 13.22 -26.85 -15.67
C LEU B 329 14.02 -27.95 -16.42
N GLU B 330 13.31 -28.72 -17.23
CA GLU B 330 13.90 -29.76 -18.04
C GLU B 330 13.40 -29.63 -19.47
N GLU B 331 12.24 -29.00 -19.63
CA GLU B 331 11.68 -28.78 -20.96
C GLU B 331 11.92 -27.32 -21.41
N ASP B 332 12.78 -26.63 -20.65
CA ASP B 332 13.28 -25.32 -21.02
C ASP B 332 14.58 -25.05 -20.24
N GLU B 333 15.53 -24.42 -20.95
CA GLU B 333 16.87 -24.19 -20.41
C GLU B 333 17.04 -22.77 -19.86
N ARG B 334 16.13 -21.88 -20.24
CA ARG B 334 16.16 -20.48 -19.81
C ARG B 334 16.12 -20.26 -18.29
N LYS B 335 16.49 -19.05 -17.88
CA LYS B 335 16.28 -18.62 -16.51
C LYS B 335 14.81 -18.17 -16.37
N ILE B 336 14.34 -18.08 -15.13
CA ILE B 336 12.96 -17.67 -14.84
C ILE B 336 12.99 -16.38 -14.04
N ARG B 337 12.15 -15.43 -14.47
CA ARG B 337 11.97 -14.15 -13.79
C ARG B 337 10.84 -14.15 -12.75
N ARG B 338 9.66 -14.61 -13.17
CA ARG B 338 8.44 -14.55 -12.36
C ARG B 338 7.93 -15.97 -12.23
N ILE B 339 7.53 -16.38 -11.02
CA ILE B 339 6.94 -17.70 -10.80
C ILE B 339 5.57 -17.63 -10.11
N GLY B 340 4.66 -18.53 -10.49
CA GLY B 340 3.32 -18.59 -9.89
C GLY B 340 2.54 -19.88 -10.06
N VAL B 341 1.35 -19.92 -9.49
CA VAL B 341 0.52 -21.11 -9.57
C VAL B 341 -0.85 -20.66 -9.92
N ARG B 342 -1.57 -21.49 -10.65
CA ARG B 342 -2.98 -21.17 -10.92
C ARG B 342 -3.74 -22.43 -10.52
N PHE B 343 -4.90 -22.27 -9.86
CA PHE B 343 -5.71 -23.41 -9.50
C PHE B 343 -7.08 -23.40 -10.17
N SER B 344 -7.61 -24.57 -10.49
CA SER B 344 -8.86 -24.61 -11.23
C SER B 344 -9.61 -25.93 -11.04
N LYS B 345 -10.79 -25.97 -11.65
CA LYS B 345 -11.65 -27.13 -11.63
C LYS B 345 -12.06 -27.35 -10.19
N PHE B 346 -12.95 -26.50 -9.75
CA PHE B 346 -13.39 -26.49 -8.40
C PHE B 346 -14.43 -27.55 -8.18
N ILE B 347 -14.70 -27.88 -6.93
CA ILE B 347 -15.63 -28.92 -6.61
C ILE B 347 -16.94 -28.35 -6.12
N GLU B 348 -17.72 -29.16 -5.42
CA GLU B 348 -19.10 -28.83 -5.15
C GLU B 348 -19.59 -27.72 -6.04
N1 DOC C 12 12.84 5.73 14.34
C2 DOC C 12 13.99 5.52 13.55
N3 DOC C 12 15.04 4.80 14.04
C4 DOC C 12 14.97 4.29 15.29
C5 DOC C 12 13.85 4.49 16.07
C6 DOC C 12 12.78 5.23 15.57
O2 DOC C 12 14.06 5.99 12.40
N4 DOC C 12 16.02 3.57 15.78
C1' DOC C 12 11.72 6.50 13.79
C2' DOC C 12 10.42 5.72 14.00
C3' DOC C 12 9.54 6.60 14.86
C4' DOC C 12 10.34 7.87 15.15
O4' DOC C 12 11.61 7.74 14.50
C5' DOC C 12 10.55 8.02 16.65
O5' DOC C 12 10.61 6.72 17.25
P DOC C 12 10.10 6.50 18.77
OP1 DOC C 12 10.57 5.14 19.22
OP2 DOC C 12 8.65 6.87 18.83
O6 EFG D 5 17.96 0.73 13.82
C6 EFG D 5 17.59 0.93 12.68
N1 EFG D 5 16.31 1.24 12.55
C2 EFG D 5 15.91 1.48 11.32
N2 EFG D 5 14.74 1.79 10.84
C10 EFG D 5 14.89 1.91 9.56
C9 EFG D 5 16.14 1.66 9.26
N3 EFG D 5 16.77 1.42 10.34
C4 EFG D 5 18.02 1.13 10.46
C5 EFG D 5 18.43 0.88 11.66
N7 EFG D 5 19.69 0.60 11.57
C8 EFG D 5 20.03 0.68 10.33
N9 EFG D 5 19.01 1.00 9.62
C1' EFG D 5 19.07 1.10 8.17
O4' EFG D 5 19.63 -0.11 7.94
C2' EFG D 5 20.00 2.07 7.61
F EFG D 5 20.93 2.43 8.54
C3' EFG D 5 20.87 1.41 6.65
O3' EFG D 5 20.38 1.64 5.40
C4' EFG D 5 20.67 -0.05 7.00
C5' EFG D 5 21.92 -0.64 7.69
O5' EFG D 5 22.40 0.17 8.75
P EFG D 5 23.78 0.07 9.33
OP1 EFG D 5 24.61 -0.24 8.25
OP2 EFG D 5 24.07 1.19 10.12
N1 DOC E 12 -7.20 -6.59 -16.19
C2 DOC E 12 -5.82 -6.89 -16.16
N3 DOC E 12 -5.03 -6.58 -17.19
C4 DOC E 12 -5.52 -5.99 -18.30
C5 DOC E 12 -6.86 -5.70 -18.35
C6 DOC E 12 -7.66 -6.02 -17.29
O2 DOC E 12 -5.26 -7.43 -15.20
N4 DOC E 12 -4.70 -5.70 -19.34
C1' DOC E 12 -8.15 -6.93 -15.11
C2' DOC E 12 -8.76 -5.79 -14.32
C3' DOC E 12 -10.26 -6.04 -14.23
C4' DOC E 12 -10.56 -7.07 -15.29
O4' DOC E 12 -9.29 -7.56 -15.71
C5' DOC E 12 -11.46 -6.59 -16.47
O5' DOC E 12 -11.57 -5.18 -16.75
P DOC E 12 -11.88 -4.52 -18.19
OP1 DOC E 12 -10.71 -3.84 -18.76
OP2 DOC E 12 -13.22 -3.91 -18.23
O6 EFG F 5 -0.68 -3.73 -18.44
C6 EFG F 5 -0.50 -4.14 -17.28
N1 EFG F 5 -1.62 -4.10 -16.46
C2 EFG F 5 -1.48 -4.50 -15.14
N2 EFG F 5 -2.33 -4.58 -14.14
C10 EFG F 5 -1.70 -5.08 -13.11
C9 EFG F 5 -0.42 -5.29 -13.46
N3 EFG F 5 -0.29 -4.94 -14.73
C4 EFG F 5 0.78 -5.00 -15.50
C5 EFG F 5 0.70 -4.58 -16.79
N7 EFG F 5 1.91 -4.74 -17.35
C8 EFG F 5 2.73 -5.23 -16.39
N9 EFG F 5 2.04 -5.40 -15.22
C1' EFG F 5 2.43 -5.95 -13.78
O4' EFG F 5 2.88 -4.98 -12.73
C2' EFG F 5 3.52 -7.09 -13.78
F EFG F 5 4.24 -7.17 -15.00
C3' EFG F 5 4.51 -6.70 -12.65
O3' EFG F 5 4.17 -7.16 -11.29
C4' EFG F 5 4.36 -5.17 -12.69
C5' EFG F 5 5.14 -4.60 -13.91
O5' EFG F 5 6.55 -4.65 -13.65
P EFG F 5 7.46 -5.88 -14.17
OP1 EFG F 5 6.87 -6.64 -15.33
OP2 EFG F 5 8.86 -6.02 -13.63
N1 DCP G . 10.71 1.68 13.51
C2 DCP G . 11.92 1.79 12.70
N3 DCP G . 13.17 1.55 13.24
C4 DCP G . 13.26 1.17 14.54
C5 DCP G . 12.10 1.06 15.35
C6 DCP G . 10.82 1.32 14.81
O2 DCP G . 11.80 2.11 11.48
N4 DCP G . 14.50 0.90 15.03
C1' DCP G . 9.41 1.94 12.87
C2' DCP G . 8.69 0.59 12.54
C3' DCP G . 7.46 0.51 13.43
C4' DCP G . 7.28 2.03 13.82
O4' DCP G . 8.56 2.72 13.68
O3' DCP G . 6.38 -0.23 12.74
C5' DCP G . 6.74 2.32 15.23
O5' DCP G . 7.63 1.82 16.32
PA DCP G . 7.03 1.03 17.64
O1A DCP G . 8.08 1.08 18.69
O2A DCP G . 5.64 1.56 17.90
O3A DCP G . 6.95 -0.49 17.31
PB DCP G . 6.00 -1.24 16.29
O1B DCP G . 4.81 -0.34 15.96
O2B DCP G . 6.61 -1.94 15.11
O3B DCP G . 5.56 -2.43 17.26
PG DCP G . 4.79 -2.29 18.70
O1G DCP G . 4.48 -0.85 18.95
O2G DCP G . 3.63 -3.21 18.36
O3G DCP G . 5.72 -2.79 19.77
MG MG H . 5.10 3.65 18.64
MG MG I . 3.72 0.90 17.62
N1 DCP J . -6.65 -2.76 -15.89
C2 DCP J . -5.34 -3.26 -15.62
N3 DCP J . -4.30 -3.10 -16.49
C4 DCP J . -4.53 -2.47 -17.65
C5 DCP J . -5.80 -1.97 -17.96
C6 DCP J . -6.87 -2.13 -17.06
O2 DCP J . -5.07 -3.83 -14.57
N4 DCP J . -3.53 -2.32 -18.51
C1' DCP J . -7.76 -2.95 -14.96
C2' DCP J . -7.98 -1.73 -14.10
C3' DCP J . -9.39 -1.29 -14.37
C4' DCP J . -9.98 -2.24 -15.43
O4' DCP J . -8.94 -3.19 -15.75
O3' DCP J . -10.15 -1.40 -13.17
C5' DCP J . -10.53 -1.50 -16.69
O5' DCP J . -11.93 -1.16 -16.50
PA DCP J . -12.68 0.23 -16.92
O1A DCP J . -12.48 0.38 -18.39
O2A DCP J . -14.11 0.25 -16.30
O3A DCP J . -11.65 1.27 -16.16
PB DCP J . -11.92 2.17 -14.83
O1B DCP J . -13.13 1.68 -13.97
O2B DCP J . -10.60 2.50 -14.16
O3B DCP J . -12.27 3.56 -15.48
PG DCP J . -13.64 3.62 -16.32
O1G DCP J . -14.66 2.71 -15.65
O2G DCP J . -13.83 5.10 -16.10
O3G DCP J . -13.10 3.18 -17.62
MG MG K . -15.60 -1.32 -16.26
MG MG L . -15.34 1.11 -14.89
MG MG M . -12.44 -1.04 -20.70
#